data_1HQ4
#
_entry.id   1HQ4
#
_cell.length_a   72.900
_cell.length_b   88.700
_cell.length_c   72.900
_cell.angle_alpha   90.00
_cell.angle_beta   91.10
_cell.angle_gamma   90.00
#
_symmetry.space_group_name_H-M   'P 1 21 1'
#
loop_
_entity.id
_entity.type
_entity.pdbx_description
1 polymer 'ANTIBODY HA5-19A4 FAB LIGHT CHAIN'
2 polymer 'ANTIBODY HA5-19A4 FAB HEAVY CHAIN'
3 non-polymer 'CADMIUM ION'
4 water water
#
loop_
_entity_poly.entity_id
_entity_poly.type
_entity_poly.pdbx_seq_one_letter_code
_entity_poly.pdbx_strand_id
1 'polypeptide(L)'
;DIVLTQSPTIMSVSPGEKVTLTCSASSSVSSNYVYWYQQKPGSSPKVWIYSTSNLASGVPARFSGSGSGTSYSLTISSME
AEDAASYFCLQWSSFPYTFGGGTKLELKRADVAPTVSIFPPSSEQLTSGGASVVCFLNNFYPKDINVKWKIDGSERQNGV
LNSWTDQDSKDSTYSMSSTLTLTKDEYERHNSYTCEATHKTSTSPIVKSFNRNEC
;
A,C
2 'polypeptide(L)'
;DVQLQESGPGLVKPSQSLSLTCTVTGYSITSGYAWNWIRQFPGNKLEWMGYIRYSGDTRYNPSLKSRISITRDTSKNQFF
LQLNSVTTEDTATYYCAIGYGNSDYWGQGTLVTVSAAKTTPPSVYPLAPGCGDTTGSSVTLGCLVKGYFPESVTVTWNSG
SLSSSVHAFPALLQSGLYTMSSSVTVPSSTWPSQTVTCSVAHPASSTTVDKKLEPKDC
;
B,D
#
# COMPACT_ATOMS: atom_id res chain seq x y z
N ASP A 1 42.57 -11.08 0.89
CA ASP A 1 42.72 -10.58 2.29
C ASP A 1 43.26 -9.15 2.30
N ILE A 2 43.20 -8.50 1.14
CA ILE A 2 43.64 -7.14 0.99
C ILE A 2 42.56 -6.28 1.61
N VAL A 3 42.95 -5.37 2.49
CA VAL A 3 41.98 -4.48 3.13
C VAL A 3 41.76 -3.23 2.31
N LEU A 4 40.51 -3.03 1.87
CA LEU A 4 40.17 -1.86 1.10
C LEU A 4 39.61 -0.79 2.02
N THR A 5 40.38 0.30 2.14
CA THR A 5 40.02 1.43 2.98
C THR A 5 39.39 2.55 2.18
N GLN A 6 38.18 2.92 2.56
CA GLN A 6 37.44 3.98 1.87
C GLN A 6 37.24 5.27 2.67
N SER A 7 37.22 6.39 1.95
CA SER A 7 37.04 7.70 2.57
C SER A 7 36.62 8.77 1.55
N PRO A 8 35.80 9.74 1.98
CA PRO A 8 35.27 9.86 3.34
C PRO A 8 34.25 8.77 3.64
N THR A 9 33.89 8.62 4.91
CA THR A 9 32.93 7.61 5.32
C THR A 9 31.52 8.15 5.12
N ILE A 10 31.38 9.46 5.30
CA ILE A 10 30.10 10.12 5.13
C ILE A 10 30.42 11.57 4.73
N MET A 11 29.55 12.17 3.94
CA MET A 11 29.77 13.55 3.51
C MET A 11 28.54 14.15 2.88
N SER A 12 28.37 15.46 3.08
CA SER A 12 27.24 16.20 2.53
C SER A 12 27.78 17.01 1.35
N VAL A 13 27.02 17.02 0.26
CA VAL A 13 27.44 17.71 -0.94
C VAL A 13 26.32 18.57 -1.50
N SER A 14 26.67 19.76 -1.97
CA SER A 14 25.68 20.66 -2.52
C SER A 14 25.54 20.31 -3.98
N PRO A 15 24.32 20.44 -4.50
CA PRO A 15 24.09 20.14 -5.92
C PRO A 15 25.07 20.92 -6.79
N GLY A 16 25.43 20.34 -7.94
CA GLY A 16 26.33 20.99 -8.87
C GLY A 16 27.80 20.89 -8.53
N GLU A 17 28.13 20.60 -7.27
CA GLU A 17 29.52 20.51 -6.87
C GLU A 17 30.21 19.22 -7.31
N LYS A 18 31.53 19.22 -7.29
CA LYS A 18 32.30 18.07 -7.69
C LYS A 18 32.75 17.34 -6.43
N VAL A 19 32.66 16.01 -6.46
CA VAL A 19 33.08 15.21 -5.31
C VAL A 19 33.89 13.99 -5.75
N THR A 20 34.90 13.65 -4.95
CA THR A 20 35.76 12.53 -5.27
C THR A 20 35.96 11.54 -4.12
N LEU A 21 35.39 10.35 -4.27
CA LEU A 21 35.51 9.29 -3.27
C LEU A 21 36.83 8.55 -3.49
N THR A 22 37.36 7.94 -2.44
CA THR A 22 38.62 7.24 -2.52
C THR A 22 38.56 5.83 -1.95
N CYS A 23 39.46 4.98 -2.44
CA CYS A 23 39.53 3.59 -2.02
C CYS A 23 41.00 3.20 -2.05
N SER A 24 41.58 3.00 -0.87
CA SER A 24 42.98 2.62 -0.76
C SER A 24 43.16 1.17 -0.35
N ALA A 25 44.02 0.45 -1.07
CA ALA A 25 44.26 -0.95 -0.78
C ALA A 25 45.55 -1.14 0.02
N SER A 26 45.53 -2.10 0.94
CA SER A 26 46.70 -2.38 1.77
C SER A 26 47.87 -2.92 0.96
N SER A 27 47.58 -3.29 -0.29
CA SER A 27 48.62 -3.80 -1.19
C SER A 27 48.11 -3.60 -2.61
N SER A 28 49.02 -3.46 -3.56
CA SER A 28 48.64 -3.24 -4.97
C SER A 28 47.73 -4.31 -5.58
N VAL A 29 46.86 -3.87 -6.47
CA VAL A 29 45.91 -4.74 -7.17
C VAL A 29 45.76 -4.33 -8.62
N SER A 30 45.40 -5.30 -9.47
CA SER A 30 45.21 -5.08 -10.90
C SER A 30 44.05 -4.13 -11.14
N SER A 31 44.31 -3.05 -11.89
CA SER A 31 43.27 -2.07 -12.18
C SER A 31 42.04 -2.71 -12.83
N ASN A 32 42.24 -3.87 -13.43
CA ASN A 32 41.16 -4.57 -14.09
C ASN A 32 40.16 -5.21 -13.16
N TYR A 33 40.58 -5.46 -11.92
CA TYR A 33 39.72 -6.11 -10.95
C TYR A 33 39.30 -5.23 -9.77
N VAL A 34 38.97 -3.98 -10.07
CA VAL A 34 38.53 -3.03 -9.05
C VAL A 34 37.20 -2.45 -9.48
N TYR A 35 36.10 -2.92 -8.88
CA TYR A 35 34.76 -2.43 -9.21
C TYR A 35 34.21 -1.43 -8.19
N TRP A 36 33.15 -0.74 -8.59
CA TRP A 36 32.49 0.24 -7.74
C TRP A 36 31.00 -0.05 -7.81
N TYR A 37 30.35 -0.08 -6.65
CA TYR A 37 28.93 -0.35 -6.56
C TYR A 37 28.20 0.80 -5.88
N GLN A 38 26.97 1.02 -6.30
CA GLN A 38 26.13 2.05 -5.70
C GLN A 38 24.96 1.32 -5.08
N GLN A 39 24.64 1.66 -3.83
CA GLN A 39 23.52 1.03 -3.14
C GLN A 39 22.59 2.07 -2.53
N LYS A 40 21.34 2.06 -2.98
CA LYS A 40 20.30 2.95 -2.51
C LYS A 40 19.56 2.20 -1.38
N PRO A 41 19.07 2.92 -0.37
CA PRO A 41 18.36 2.30 0.75
C PRO A 41 17.28 1.31 0.32
N GLY A 42 17.27 0.15 0.97
CA GLY A 42 16.29 -0.89 0.67
C GLY A 42 16.38 -1.55 -0.69
N SER A 43 17.55 -1.45 -1.30
CA SER A 43 17.80 -2.04 -2.63
C SER A 43 19.17 -2.67 -2.52
N SER A 44 19.44 -3.63 -3.39
CA SER A 44 20.73 -4.28 -3.34
C SER A 44 21.75 -3.47 -4.13
N PRO A 45 23.04 -3.69 -3.87
CA PRO A 45 24.10 -2.98 -4.57
C PRO A 45 23.98 -3.27 -6.07
N LYS A 46 24.49 -2.38 -6.90
CA LYS A 46 24.45 -2.56 -8.34
C LYS A 46 25.82 -2.14 -8.86
N VAL A 47 26.33 -2.83 -9.89
CA VAL A 47 27.63 -2.47 -10.43
C VAL A 47 27.53 -1.07 -11.06
N TRP A 48 28.47 -0.20 -10.68
CA TRP A 48 28.49 1.18 -11.15
C TRP A 48 29.69 1.47 -12.05
N ILE A 49 30.84 0.92 -11.67
CA ILE A 49 32.05 1.07 -12.44
C ILE A 49 32.91 -0.19 -12.37
N TYR A 50 33.27 -0.72 -13.52
CA TYR A 50 34.09 -1.91 -13.56
C TYR A 50 35.48 -1.60 -14.11
N SER A 51 36.46 -2.39 -13.67
CA SER A 51 37.84 -2.20 -14.09
C SER A 51 38.30 -0.77 -13.94
N THR A 52 38.25 -0.29 -12.70
CA THR A 52 38.69 1.04 -12.37
C THR A 52 38.01 2.22 -13.05
N SER A 53 37.92 2.19 -14.38
CA SER A 53 37.34 3.34 -15.06
C SER A 53 36.29 3.15 -16.13
N ASN A 54 35.60 2.01 -16.15
CA ASN A 54 34.59 1.84 -17.18
C ASN A 54 33.15 1.94 -16.66
N LEU A 55 32.39 2.91 -17.15
CA LEU A 55 31.02 3.06 -16.70
C LEU A 55 30.19 1.81 -17.03
N ALA A 56 29.27 1.45 -16.15
CA ALA A 56 28.45 0.28 -16.41
C ALA A 56 27.22 0.74 -17.16
N SER A 57 26.29 -0.18 -17.39
CA SER A 57 25.07 0.09 -18.13
C SER A 57 24.05 0.92 -17.35
N GLY A 58 23.61 2.02 -17.95
CA GLY A 58 22.63 2.87 -17.28
C GLY A 58 23.24 3.99 -16.45
N VAL A 59 24.52 3.88 -16.14
CA VAL A 59 25.22 4.89 -15.36
C VAL A 59 25.40 6.18 -16.16
N PRO A 60 24.97 7.33 -15.59
CA PRO A 60 25.04 8.67 -16.18
C PRO A 60 26.48 9.12 -16.46
N ALA A 61 26.65 9.86 -17.55
CA ALA A 61 27.94 10.35 -18.01
C ALA A 61 28.77 11.15 -17.00
N ARG A 62 28.09 11.77 -16.03
CA ARG A 62 28.78 12.57 -15.02
C ARG A 62 29.69 11.78 -14.09
N PHE A 63 29.44 10.48 -13.97
CA PHE A 63 30.30 9.65 -13.13
C PHE A 63 31.59 9.30 -13.87
N SER A 64 32.66 9.05 -13.13
CA SER A 64 33.92 8.72 -13.75
C SER A 64 34.88 8.13 -12.74
N GLY A 65 35.63 7.11 -13.15
CA GLY A 65 36.56 6.49 -12.22
C GLY A 65 37.97 6.55 -12.76
N SER A 66 38.93 6.21 -11.92
CA SER A 66 40.32 6.21 -12.32
C SER A 66 41.14 5.72 -11.14
N GLY A 67 42.44 5.59 -11.33
CA GLY A 67 43.30 5.14 -10.26
C GLY A 67 44.11 3.94 -10.69
N SER A 68 45.15 3.64 -9.93
CA SER A 68 46.00 2.51 -10.25
C SER A 68 46.91 2.21 -9.07
N GLY A 69 47.54 1.05 -9.12
CA GLY A 69 48.43 0.67 -8.05
C GLY A 69 47.68 0.38 -6.77
N THR A 70 47.78 1.28 -5.81
CA THR A 70 47.13 1.08 -4.53
C THR A 70 46.10 2.15 -4.19
N SER A 71 45.81 3.02 -5.16
CA SER A 71 44.84 4.10 -4.95
C SER A 71 43.85 4.19 -6.09
N TYR A 72 42.56 4.08 -5.76
CA TYR A 72 41.52 4.17 -6.77
C TYR A 72 40.52 5.20 -6.29
N SER A 73 39.79 5.82 -7.20
CA SER A 73 38.85 6.85 -6.78
C SER A 73 37.71 7.03 -7.75
N LEU A 74 36.54 7.36 -7.21
CA LEU A 74 35.35 7.58 -8.02
C LEU A 74 35.10 9.10 -7.95
N THR A 75 34.59 9.68 -9.04
CA THR A 75 34.36 11.11 -9.08
C THR A 75 33.03 11.48 -9.72
N ILE A 76 32.36 12.46 -9.14
CA ILE A 76 31.10 12.95 -9.68
C ILE A 76 31.35 14.37 -10.16
N SER A 77 30.99 14.65 -11.41
CA SER A 77 31.18 15.96 -12.00
C SER A 77 30.47 16.98 -11.17
N SER A 78 29.14 16.95 -11.26
CA SER A 78 28.30 17.85 -10.51
C SER A 78 27.24 16.98 -9.83
N MET A 79 27.26 17.00 -8.49
CA MET A 79 26.32 16.22 -7.68
C MET A 79 24.85 16.43 -8.08
N GLU A 80 24.05 15.41 -7.85
CA GLU A 80 22.62 15.47 -8.16
C GLU A 80 21.87 14.78 -7.03
N ALA A 81 20.57 15.04 -6.94
CA ALA A 81 19.76 14.45 -5.89
C ALA A 81 19.91 12.94 -5.87
N GLU A 82 19.67 12.33 -7.02
CA GLU A 82 19.75 10.87 -7.12
C GLU A 82 21.12 10.24 -6.88
N ASP A 83 22.21 11.01 -6.94
CA ASP A 83 23.53 10.46 -6.70
C ASP A 83 23.75 10.22 -5.21
N ALA A 84 22.73 10.49 -4.43
CA ALA A 84 22.84 10.32 -2.99
C ALA A 84 22.63 8.85 -2.69
N ALA A 85 23.69 8.21 -2.23
CA ALA A 85 23.66 6.80 -1.92
C ALA A 85 25.00 6.31 -1.39
N SER A 86 25.09 5.02 -1.12
CA SER A 86 26.35 4.47 -0.62
C SER A 86 27.17 3.95 -1.79
N TYR A 87 28.47 4.09 -1.69
CA TYR A 87 29.37 3.65 -2.73
C TYR A 87 30.47 2.79 -2.15
N PHE A 88 30.53 1.55 -2.61
CA PHE A 88 31.57 0.64 -2.14
C PHE A 88 32.47 0.32 -3.31
N CYS A 89 33.72 -0.03 -2.99
CA CYS A 89 34.68 -0.43 -4.01
C CYS A 89 35.02 -1.88 -3.68
N LEU A 90 35.27 -2.68 -4.72
CA LEU A 90 35.56 -4.10 -4.57
C LEU A 90 36.84 -4.51 -5.30
N GLN A 91 37.57 -5.48 -4.74
CA GLN A 91 38.76 -5.95 -5.42
C GLN A 91 38.73 -7.46 -5.48
N TRP A 92 38.82 -7.99 -6.69
CA TRP A 92 38.85 -9.43 -6.85
C TRP A 92 40.04 -9.82 -7.70
N SER A 93 41.19 -9.32 -7.28
CA SER A 93 42.47 -9.57 -7.94
C SER A 93 43.29 -10.47 -7.03
N SER A 94 42.69 -10.87 -5.92
CA SER A 94 43.34 -11.74 -4.95
C SER A 94 42.30 -12.35 -4.03
N PHE A 95 42.42 -13.64 -3.76
CA PHE A 95 41.49 -14.32 -2.88
C PHE A 95 41.88 -14.14 -1.42
N PRO A 96 40.88 -13.87 -0.57
CA PRO A 96 39.49 -13.75 -0.97
C PRO A 96 39.14 -12.35 -1.45
N TYR A 97 37.97 -12.21 -2.08
CA TYR A 97 37.51 -10.93 -2.58
C TYR A 97 37.04 -10.06 -1.41
N THR A 98 37.46 -8.80 -1.39
CA THR A 98 37.08 -7.91 -0.31
C THR A 98 36.54 -6.55 -0.72
N PHE A 99 35.49 -6.11 -0.01
CA PHE A 99 34.88 -4.81 -0.25
C PHE A 99 35.47 -3.76 0.66
N GLY A 100 35.04 -2.51 0.47
CA GLY A 100 35.50 -1.42 1.30
C GLY A 100 34.32 -1.08 2.20
N GLY A 101 34.57 -0.31 3.26
CA GLY A 101 33.52 0.06 4.18
C GLY A 101 32.36 0.83 3.56
N GLY A 102 32.65 1.60 2.51
CA GLY A 102 31.59 2.36 1.87
C GLY A 102 31.65 3.83 2.22
N THR A 103 31.00 4.63 1.39
CA THR A 103 30.93 6.06 1.59
C THR A 103 29.51 6.44 1.33
N LYS A 104 28.88 7.07 2.31
CA LYS A 104 27.50 7.48 2.14
C LYS A 104 27.56 8.93 1.69
N LEU A 105 26.66 9.35 0.81
CA LEU A 105 26.67 10.73 0.33
C LEU A 105 25.30 11.33 0.53
N GLU A 106 25.23 12.38 1.33
CA GLU A 106 23.95 13.03 1.55
C GLU A 106 23.87 14.32 0.75
N LEU A 107 22.68 14.63 0.26
CA LEU A 107 22.45 15.81 -0.54
C LEU A 107 22.04 17.05 0.28
N LYS A 108 22.95 18.05 0.35
CA LYS A 108 22.67 19.29 1.07
C LYS A 108 21.51 20.03 0.45
N ARG A 109 20.67 20.61 1.29
CA ARG A 109 19.54 21.38 0.78
C ARG A 109 19.31 22.57 1.68
N ALA A 110 18.30 23.36 1.36
CA ALA A 110 17.99 24.54 2.17
C ALA A 110 17.44 24.12 3.54
N ASP A 111 17.84 24.82 4.60
CA ASP A 111 17.34 24.52 5.94
C ASP A 111 15.81 24.53 5.93
N VAL A 112 15.24 23.71 6.80
CA VAL A 112 13.80 23.59 6.91
C VAL A 112 13.47 23.19 8.36
N ALA A 113 12.44 23.79 8.92
CA ALA A 113 12.07 23.49 10.30
C ALA A 113 11.11 22.33 10.38
N PRO A 114 11.28 21.50 11.41
CA PRO A 114 10.43 20.33 11.63
C PRO A 114 8.99 20.67 12.01
N THR A 115 8.08 19.79 11.63
CA THR A 115 6.67 19.92 11.95
C THR A 115 6.47 18.83 12.99
N VAL A 116 6.27 19.24 14.25
CA VAL A 116 6.13 18.31 15.35
C VAL A 116 4.70 17.98 15.76
N SER A 117 4.48 16.71 16.06
CA SER A 117 3.17 16.24 16.47
C SER A 117 3.41 15.38 17.70
N ILE A 118 2.45 15.38 18.61
CA ILE A 118 2.59 14.62 19.84
C ILE A 118 1.35 13.76 19.98
N PHE A 119 1.50 12.60 20.63
CA PHE A 119 0.38 11.70 20.80
C PHE A 119 0.36 11.06 22.16
N PRO A 120 -0.79 11.11 22.85
CA PRO A 120 -0.85 10.48 24.16
C PRO A 120 -1.04 8.99 23.93
N PRO A 121 -0.90 8.18 24.97
CA PRO A 121 -1.08 6.74 24.79
C PRO A 121 -2.48 6.48 24.25
N SER A 122 -2.76 5.23 23.91
CA SER A 122 -4.07 4.87 23.41
C SER A 122 -4.76 4.05 24.50
N SER A 123 -6.08 3.91 24.40
CA SER A 123 -6.80 3.14 25.39
C SER A 123 -6.22 1.73 25.50
N GLU A 124 -6.04 1.11 24.34
CA GLU A 124 -5.52 -0.24 24.23
C GLU A 124 -4.20 -0.50 24.96
N GLN A 125 -3.17 0.31 24.73
CA GLN A 125 -1.89 0.07 25.40
C GLN A 125 -2.04 0.26 26.90
N LEU A 126 -2.94 1.17 27.29
CA LEU A 126 -3.20 1.46 28.68
C LEU A 126 -3.79 0.21 29.35
N THR A 127 -4.77 -0.39 28.67
CA THR A 127 -5.41 -1.60 29.15
C THR A 127 -4.34 -2.65 29.47
N SER A 128 -3.31 -2.70 28.65
CA SER A 128 -2.21 -3.65 28.83
C SER A 128 -1.35 -3.28 30.03
N GLY A 129 -1.61 -2.11 30.60
CA GLY A 129 -0.83 -1.67 31.75
C GLY A 129 0.47 -1.00 31.35
N GLY A 130 0.49 -0.41 30.15
CA GLY A 130 1.69 0.27 29.69
C GLY A 130 1.29 1.58 29.05
N ALA A 131 2.22 2.53 28.97
CA ALA A 131 1.92 3.81 28.35
C ALA A 131 3.08 4.33 27.51
N SER A 132 2.76 4.69 26.27
CA SER A 132 3.74 5.22 25.33
C SER A 132 3.32 6.56 24.74
N VAL A 133 4.21 7.54 24.89
CA VAL A 133 3.97 8.88 24.39
C VAL A 133 4.87 8.96 23.17
N VAL A 134 4.25 9.27 22.03
CA VAL A 134 4.96 9.34 20.75
C VAL A 134 5.05 10.76 20.17
N CYS A 135 6.23 11.11 19.69
CA CYS A 135 6.40 12.41 19.07
C CYS A 135 7.06 12.28 17.68
N PHE A 136 6.41 12.84 16.66
CA PHE A 136 6.97 12.80 15.30
C PHE A 136 7.52 14.16 14.93
N LEU A 137 8.72 14.20 14.38
CA LEU A 137 9.34 15.45 13.90
C LEU A 137 9.59 15.22 12.39
N ASN A 138 8.70 15.77 11.58
CA ASN A 138 8.74 15.61 10.12
C ASN A 138 9.34 16.66 9.21
N ASN A 139 9.93 16.17 8.13
CA ASN A 139 10.53 16.97 7.06
C ASN A 139 11.47 18.09 7.45
N PHE A 140 12.58 17.77 8.08
CA PHE A 140 13.53 18.79 8.48
C PHE A 140 14.93 18.60 7.89
N TYR A 141 15.75 19.63 8.02
CA TYR A 141 17.12 19.61 7.52
C TYR A 141 17.77 20.87 8.09
N PRO A 142 19.03 20.76 8.57
CA PRO A 142 19.93 19.62 8.66
C PRO A 142 19.39 18.44 9.45
N LYS A 143 20.19 17.38 9.55
CA LYS A 143 19.79 16.18 10.25
C LYS A 143 20.03 16.33 11.75
N ASP A 144 21.01 17.14 12.13
CA ASP A 144 21.30 17.35 13.54
C ASP A 144 20.16 18.11 14.23
N ILE A 145 19.59 17.46 15.22
CA ILE A 145 18.49 18.04 15.97
C ILE A 145 18.45 17.37 17.32
N ASN A 146 18.06 18.12 18.34
CA ASN A 146 17.98 17.56 19.68
C ASN A 146 16.53 17.49 20.10
N VAL A 147 16.20 16.46 20.87
CA VAL A 147 14.83 16.31 21.36
C VAL A 147 14.84 16.00 22.85
N LYS A 148 14.10 16.79 23.61
CA LYS A 148 14.01 16.60 25.05
C LYS A 148 12.58 16.32 25.44
N TRP A 149 12.42 15.48 26.45
CA TRP A 149 11.11 15.16 26.98
C TRP A 149 10.99 15.78 28.35
N LYS A 150 9.81 16.30 28.65
CA LYS A 150 9.57 16.88 29.94
C LYS A 150 8.25 16.35 30.42
N ILE A 151 8.28 15.79 31.63
CA ILE A 151 7.07 15.29 32.27
C ILE A 151 6.91 16.23 33.44
N ASP A 152 5.77 16.92 33.46
CA ASP A 152 5.47 17.91 34.48
C ASP A 152 6.65 18.87 34.59
N GLY A 153 7.12 19.33 33.43
CA GLY A 153 8.22 20.28 33.39
C GLY A 153 9.58 19.72 33.78
N SER A 154 9.60 18.46 34.22
CA SER A 154 10.88 17.84 34.59
C SER A 154 11.39 17.02 33.42
N GLU A 155 12.69 17.14 33.15
CA GLU A 155 13.30 16.43 32.04
C GLU A 155 13.60 14.95 32.29
N ARG A 156 13.00 14.09 31.45
CA ARG A 156 13.19 12.64 31.55
C ARG A 156 13.92 12.11 30.32
N GLN A 157 15.02 11.39 30.56
CA GLN A 157 15.81 10.83 29.46
C GLN A 157 15.86 9.30 29.38
N ASN A 158 15.28 8.60 30.35
CA ASN A 158 15.29 7.14 30.34
C ASN A 158 14.00 6.53 29.80
N GLY A 159 14.16 5.66 28.79
CA GLY A 159 13.01 5.04 28.18
C GLY A 159 12.63 5.80 26.93
N VAL A 160 13.64 6.35 26.26
CA VAL A 160 13.42 7.12 25.04
C VAL A 160 13.96 6.35 23.83
N LEU A 161 13.09 6.05 22.88
CA LEU A 161 13.50 5.32 21.69
C LEU A 161 13.43 6.21 20.45
N ASN A 162 14.58 6.63 19.95
CA ASN A 162 14.62 7.48 18.77
C ASN A 162 14.94 6.68 17.50
N SER A 163 14.40 7.14 16.37
CA SER A 163 14.61 6.48 15.09
C SER A 163 14.48 7.49 13.94
N TRP A 164 15.47 7.49 13.05
CA TRP A 164 15.47 8.39 11.89
C TRP A 164 15.15 7.66 10.58
N THR A 165 14.62 8.41 9.62
CA THR A 165 14.37 7.84 8.31
C THR A 165 15.65 8.20 7.56
N ASP A 166 15.66 8.03 6.24
CA ASP A 166 16.85 8.40 5.46
C ASP A 166 16.50 9.68 4.75
N GLN A 167 17.52 10.32 4.17
CA GLN A 167 17.27 11.56 3.44
C GLN A 167 16.24 11.24 2.38
N ASP A 168 15.11 11.90 2.46
CA ASP A 168 14.02 11.68 1.52
C ASP A 168 14.49 11.96 0.09
N SER A 169 14.04 11.13 -0.85
CA SER A 169 14.44 11.29 -2.25
C SER A 169 13.60 12.33 -2.98
N LYS A 170 12.48 12.72 -2.39
CA LYS A 170 11.60 13.72 -2.99
C LYS A 170 11.94 15.17 -2.60
N ASP A 171 12.31 15.38 -1.33
CA ASP A 171 12.64 16.73 -0.86
C ASP A 171 13.96 16.81 -0.08
N SER A 172 14.67 15.69 -0.01
CA SER A 172 15.94 15.63 0.69
C SER A 172 15.84 15.93 2.19
N THR A 173 14.64 15.80 2.76
CA THR A 173 14.48 16.07 4.19
C THR A 173 14.53 14.80 5.03
N TYR A 174 14.56 14.97 6.35
CA TYR A 174 14.59 13.83 7.26
C TYR A 174 13.34 13.87 8.11
N SER A 175 13.12 12.78 8.84
CA SER A 175 11.98 12.67 9.73
C SER A 175 12.39 11.81 10.89
N MET A 176 11.95 12.19 12.08
CA MET A 176 12.31 11.44 13.27
C MET A 176 11.09 11.11 14.09
N SER A 177 11.22 10.05 14.87
CA SER A 177 10.15 9.59 15.72
C SER A 177 10.77 9.36 17.07
N SER A 178 10.19 9.97 18.12
CA SER A 178 10.71 9.80 19.46
C SER A 178 9.62 9.18 20.26
N THR A 179 9.95 8.14 21.01
CA THR A 179 8.96 7.43 21.80
C THR A 179 9.41 7.26 23.23
N LEU A 180 8.53 7.60 24.16
CA LEU A 180 8.81 7.48 25.58
C LEU A 180 7.85 6.42 26.10
N THR A 181 8.41 5.38 26.71
CA THR A 181 7.57 4.32 27.24
C THR A 181 7.66 4.30 28.76
N LEU A 182 6.50 4.34 29.40
CA LEU A 182 6.40 4.35 30.85
C LEU A 182 5.36 3.33 31.27
N THR A 183 5.30 3.05 32.56
CA THR A 183 4.32 2.14 33.11
C THR A 183 3.02 2.94 33.29
N LYS A 184 1.87 2.32 33.04
CA LYS A 184 0.59 3.01 33.19
C LYS A 184 0.58 3.66 34.57
N ASP A 185 1.33 3.03 35.47
CA ASP A 185 1.53 3.45 36.85
C ASP A 185 2.07 4.89 36.89
N GLU A 186 3.23 5.09 36.28
CA GLU A 186 3.90 6.38 36.24
C GLU A 186 3.20 7.42 35.34
N TYR A 187 2.45 6.95 34.36
CA TYR A 187 1.75 7.87 33.47
C TYR A 187 0.63 8.62 34.18
N GLU A 188 0.03 7.98 35.18
CA GLU A 188 -1.09 8.59 35.89
C GLU A 188 -0.63 9.49 37.04
N ARG A 189 0.62 9.34 37.43
CA ARG A 189 1.17 10.17 38.51
C ARG A 189 1.64 11.54 38.01
N HIS A 190 1.42 11.83 36.73
CA HIS A 190 1.83 13.12 36.17
C HIS A 190 0.78 13.61 35.21
N ASN A 191 0.80 14.91 34.91
CA ASN A 191 -0.25 15.51 34.10
C ASN A 191 0.13 16.11 32.75
N SER A 192 1.32 16.66 32.65
CA SER A 192 1.69 17.27 31.40
C SER A 192 2.90 16.60 30.76
N TYR A 193 2.81 16.40 29.45
CA TYR A 193 3.90 15.79 28.71
C TYR A 193 4.29 16.72 27.58
N THR A 194 5.58 17.00 27.48
CA THR A 194 6.03 17.91 26.46
C THR A 194 7.18 17.35 25.65
N CYS A 195 7.07 17.53 24.34
CA CYS A 195 8.08 17.11 23.37
C CYS A 195 8.73 18.44 22.96
N GLU A 196 9.98 18.64 23.37
CA GLU A 196 10.70 19.87 23.07
C GLU A 196 11.81 19.64 22.03
N ALA A 197 11.69 20.29 20.87
CA ALA A 197 12.65 20.14 19.78
C ALA A 197 13.50 21.37 19.49
N THR A 198 14.82 21.18 19.47
CA THR A 198 15.74 22.27 19.19
C THR A 198 16.46 22.06 17.86
N HIS A 199 16.08 22.86 16.86
CA HIS A 199 16.67 22.78 15.54
C HIS A 199 17.34 24.11 15.19
N LYS A 200 18.12 24.13 14.10
CA LYS A 200 18.81 25.34 13.65
C LYS A 200 17.86 26.39 13.09
N THR A 201 16.80 25.93 12.45
CA THR A 201 15.82 26.83 11.83
C THR A 201 15.14 27.79 12.81
N SER A 202 15.66 27.88 14.03
CA SER A 202 15.08 28.75 15.05
C SER A 202 15.94 28.87 16.32
N THR A 203 15.75 29.96 17.06
CA THR A 203 16.48 30.23 18.30
C THR A 203 15.72 29.62 19.48
N SER A 204 14.40 29.63 19.38
CA SER A 204 13.54 29.08 20.40
C SER A 204 13.16 27.64 20.05
N PRO A 205 12.98 26.78 21.07
CA PRO A 205 12.63 25.38 20.86
C PRO A 205 11.20 25.20 20.37
N ILE A 206 11.00 24.25 19.46
CA ILE A 206 9.67 23.96 18.95
C ILE A 206 9.08 23.00 19.97
N VAL A 207 7.93 23.34 20.54
CA VAL A 207 7.38 22.45 21.54
C VAL A 207 5.92 22.08 21.32
N LYS A 208 5.58 20.87 21.73
CA LYS A 208 4.23 20.37 21.61
C LYS A 208 4.02 19.65 22.93
N SER A 209 2.79 19.72 23.45
CA SER A 209 2.50 19.07 24.70
C SER A 209 1.02 18.97 24.93
N PHE A 210 0.65 18.10 25.86
CA PHE A 210 -0.75 17.93 26.19
C PHE A 210 -0.85 17.63 27.68
N ASN A 211 -2.07 17.67 28.21
CA ASN A 211 -2.30 17.39 29.62
C ASN A 211 -3.33 16.27 29.75
N ARG A 212 -3.03 15.27 30.57
CA ARG A 212 -3.98 14.17 30.79
C ARG A 212 -5.28 14.78 31.25
N ASN A 213 -5.16 15.93 31.92
CA ASN A 213 -6.29 16.69 32.43
C ASN A 213 -7.33 16.91 31.36
N GLU A 214 -6.98 17.76 30.40
CA GLU A 214 -7.85 18.13 29.29
C GLU A 214 -8.17 16.99 28.34
N CYS A 215 -8.96 16.02 28.79
CA CYS A 215 -9.36 14.89 27.94
C CYS A 215 -10.44 14.04 28.61
N ASP B 1 17.28 -10.69 -19.23
CA ASP B 1 16.06 -11.06 -18.45
C ASP B 1 16.38 -12.14 -17.40
N VAL B 2 17.46 -11.91 -16.66
CA VAL B 2 17.87 -12.84 -15.62
C VAL B 2 17.17 -12.45 -14.30
N GLN B 3 16.84 -13.46 -13.50
CA GLN B 3 16.17 -13.22 -12.23
C GLN B 3 16.72 -14.09 -11.11
N LEU B 4 17.20 -13.44 -10.05
CA LEU B 4 17.72 -14.16 -8.89
C LEU B 4 16.79 -13.90 -7.71
N GLN B 5 16.71 -14.83 -6.78
CA GLN B 5 15.82 -14.67 -5.64
C GLN B 5 16.17 -15.56 -4.47
N GLU B 6 16.67 -14.94 -3.41
CA GLU B 6 17.04 -15.67 -2.21
C GLU B 6 15.80 -16.18 -1.53
N SER B 7 15.99 -17.09 -0.59
CA SER B 7 14.90 -17.68 0.14
C SER B 7 15.50 -18.43 1.33
N GLY B 8 14.88 -18.29 2.49
CA GLY B 8 15.41 -18.98 3.65
C GLY B 8 14.50 -19.01 4.85
N PRO B 9 15.06 -19.34 6.02
CA PRO B 9 14.37 -19.44 7.32
C PRO B 9 13.90 -18.10 7.90
N GLY B 10 14.80 -17.13 7.98
CA GLY B 10 14.44 -15.84 8.55
C GLY B 10 14.96 -15.75 9.98
N LEU B 11 14.70 -16.78 10.77
CA LEU B 11 15.16 -16.81 12.15
C LEU B 11 15.72 -18.20 12.48
N VAL B 12 16.92 -18.27 13.05
CA VAL B 12 17.54 -19.54 13.42
C VAL B 12 18.32 -19.37 14.71
N LYS B 13 18.27 -20.40 15.56
CA LYS B 13 18.95 -20.38 16.86
C LYS B 13 20.43 -20.71 16.76
N PRO B 14 21.25 -20.09 17.61
CA PRO B 14 22.69 -20.31 17.63
C PRO B 14 23.06 -21.79 17.60
N SER B 15 24.26 -22.09 17.11
CA SER B 15 24.78 -23.44 16.97
C SER B 15 24.00 -24.29 15.95
N GLN B 16 22.86 -23.80 15.48
CA GLN B 16 22.11 -24.54 14.49
C GLN B 16 22.67 -24.30 13.07
N SER B 17 21.95 -24.81 12.08
CA SER B 17 22.38 -24.70 10.68
C SER B 17 21.48 -23.86 9.78
N LEU B 18 22.12 -23.15 8.85
CA LEU B 18 21.44 -22.27 7.91
C LEU B 18 21.42 -22.83 6.49
N SER B 19 20.26 -22.77 5.85
CA SER B 19 20.10 -23.24 4.48
C SER B 19 19.35 -22.24 3.61
N LEU B 20 20.08 -21.56 2.73
CA LEU B 20 19.46 -20.59 1.84
C LEU B 20 19.38 -21.15 0.41
N THR B 21 18.34 -20.75 -0.31
CA THR B 21 18.15 -21.20 -1.66
C THR B 21 18.02 -20.05 -2.65
N CYS B 22 18.88 -20.02 -3.65
CA CYS B 22 18.82 -18.99 -4.67
C CYS B 22 18.24 -19.57 -5.95
N THR B 23 17.07 -19.11 -6.33
CA THR B 23 16.43 -19.57 -7.55
C THR B 23 16.68 -18.61 -8.72
N VAL B 24 17.40 -19.11 -9.72
CA VAL B 24 17.73 -18.35 -10.93
C VAL B 24 16.73 -18.65 -12.04
N THR B 25 16.34 -17.62 -12.78
CA THR B 25 15.38 -17.77 -13.86
C THR B 25 15.77 -16.96 -15.09
N GLY B 26 15.55 -17.54 -16.27
CA GLY B 26 15.90 -16.84 -17.50
C GLY B 26 17.36 -17.06 -17.88
N TYR B 27 17.98 -18.09 -17.32
CA TYR B 27 19.37 -18.41 -17.61
C TYR B 27 19.82 -19.62 -16.79
N SER B 28 20.73 -20.42 -17.34
CA SER B 28 21.20 -21.64 -16.67
C SER B 28 22.47 -21.54 -15.83
N ILE B 29 22.45 -22.23 -14.71
CA ILE B 29 23.57 -22.28 -13.77
C ILE B 29 24.78 -22.91 -14.43
N THR B 30 24.51 -23.63 -15.52
CA THR B 30 25.56 -24.34 -16.25
C THR B 30 26.17 -23.59 -17.44
N SER B 31 25.40 -22.70 -18.07
CA SER B 31 25.87 -21.93 -19.23
C SER B 31 27.10 -21.10 -18.97
N GLY B 32 27.19 -20.46 -17.82
CA GLY B 32 28.37 -19.66 -17.55
C GLY B 32 28.33 -18.91 -16.24
N TYR B 33 29.32 -18.03 -16.03
CA TYR B 33 29.42 -17.21 -14.82
C TYR B 33 29.86 -17.96 -13.56
N ALA B 34 29.99 -17.17 -12.50
CA ALA B 34 30.33 -17.64 -11.18
C ALA B 34 29.10 -17.21 -10.39
N TRP B 35 28.57 -18.10 -9.56
CA TRP B 35 27.40 -17.77 -8.78
C TRP B 35 27.80 -17.55 -7.33
N ASN B 36 27.76 -16.28 -6.93
CA ASN B 36 28.17 -15.82 -5.60
C ASN B 36 27.09 -15.67 -4.53
N TRP B 37 27.55 -15.83 -3.29
CA TRP B 37 26.73 -15.65 -2.11
C TRP B 37 27.43 -14.51 -1.40
N ILE B 38 26.68 -13.42 -1.22
CA ILE B 38 27.19 -12.23 -0.56
C ILE B 38 26.29 -11.84 0.62
N ARG B 39 26.89 -11.42 1.72
CA ARG B 39 26.08 -11.02 2.86
C ARG B 39 26.44 -9.63 3.37
N GLN B 40 25.41 -8.89 3.77
CA GLN B 40 25.57 -7.55 4.31
C GLN B 40 25.15 -7.52 5.77
N PHE B 41 26.13 -7.23 6.62
CA PHE B 41 25.94 -7.13 8.05
C PHE B 41 25.20 -5.85 8.41
N PRO B 42 24.53 -5.83 9.58
CA PRO B 42 23.83 -4.59 9.92
C PRO B 42 25.02 -3.65 10.16
N GLY B 43 25.02 -2.51 9.46
CA GLY B 43 26.13 -1.57 9.54
C GLY B 43 26.59 -1.39 8.09
N ASN B 44 26.05 -2.26 7.25
CA ASN B 44 26.32 -2.25 5.82
C ASN B 44 27.62 -2.88 5.37
N LYS B 45 28.42 -3.39 6.29
CA LYS B 45 29.69 -4.00 5.89
C LYS B 45 29.35 -5.18 4.99
N LEU B 46 30.02 -5.26 3.85
CA LEU B 46 29.80 -6.32 2.86
C LEU B 46 30.83 -7.45 2.88
N GLU B 47 30.37 -8.69 2.83
CA GLU B 47 31.29 -9.82 2.83
C GLU B 47 31.00 -10.85 1.72
N TRP B 48 32.03 -11.16 0.94
CA TRP B 48 31.92 -12.15 -0.12
C TRP B 48 32.13 -13.50 0.57
N MET B 49 31.13 -14.37 0.48
CA MET B 49 31.24 -15.68 1.12
C MET B 49 31.85 -16.76 0.22
N GLY B 50 31.35 -16.87 -1.01
CA GLY B 50 31.88 -17.84 -1.94
C GLY B 50 31.05 -17.96 -3.21
N TYR B 51 31.46 -18.86 -4.09
CA TYR B 51 30.73 -19.06 -5.33
C TYR B 51 30.86 -20.47 -5.88
N ILE B 52 29.97 -20.75 -6.81
CA ILE B 52 30.03 -22.01 -7.50
C ILE B 52 30.07 -21.62 -8.98
N ARG B 53 31.07 -22.16 -9.68
CA ARG B 53 31.21 -21.89 -11.12
C ARG B 53 30.19 -22.73 -11.88
N TYR B 54 29.92 -22.35 -13.13
CA TYR B 54 28.97 -23.07 -13.97
C TYR B 54 29.52 -24.48 -14.22
N SER B 55 30.83 -24.62 -14.06
CA SER B 55 31.50 -25.89 -14.23
C SER B 55 31.26 -26.75 -13.00
N GLY B 56 30.70 -26.13 -11.96
CA GLY B 56 30.42 -26.88 -10.75
C GLY B 56 31.46 -26.85 -9.65
N ASP B 57 32.65 -26.29 -9.89
CA ASP B 57 33.63 -26.26 -8.81
C ASP B 57 33.42 -25.02 -7.93
N THR B 58 34.01 -25.01 -6.74
CA THR B 58 33.78 -23.92 -5.81
C THR B 58 34.99 -23.23 -5.19
N ARG B 59 34.72 -22.06 -4.63
CA ARG B 59 35.71 -21.22 -3.95
C ARG B 59 35.02 -20.55 -2.76
N TYR B 60 35.68 -20.63 -1.60
CA TYR B 60 35.14 -20.11 -0.36
C TYR B 60 36.06 -19.11 0.30
N ASN B 61 35.47 -18.14 1.01
CA ASN B 61 36.23 -17.14 1.75
C ASN B 61 36.91 -17.96 2.84
N PRO B 62 38.23 -17.83 3.00
CA PRO B 62 39.04 -18.53 4.00
C PRO B 62 38.55 -18.44 5.45
N SER B 63 37.63 -17.54 5.76
CA SER B 63 37.17 -17.42 7.13
C SER B 63 35.86 -18.18 7.35
N LEU B 64 35.34 -18.77 6.27
CA LEU B 64 34.08 -19.51 6.37
C LEU B 64 34.25 -20.99 6.05
N LYS B 65 35.51 -21.40 5.86
CA LYS B 65 35.82 -22.80 5.57
C LYS B 65 35.30 -23.64 6.73
N SER B 66 35.06 -24.92 6.46
CA SER B 66 34.58 -25.85 7.48
C SER B 66 33.14 -25.66 7.91
N ARG B 67 32.57 -24.48 7.66
CA ARG B 67 31.18 -24.24 8.07
C ARG B 67 30.33 -24.04 6.84
N ILE B 68 30.98 -23.66 5.74
CA ILE B 68 30.27 -23.36 4.51
C ILE B 68 30.28 -24.47 3.44
N SER B 69 29.20 -24.51 2.67
CA SER B 69 29.03 -25.48 1.61
C SER B 69 28.09 -24.94 0.54
N ILE B 70 28.64 -24.53 -0.60
CA ILE B 70 27.80 -24.05 -1.69
C ILE B 70 27.58 -25.22 -2.67
N THR B 71 26.33 -25.49 -3.02
CA THR B 71 26.01 -26.57 -3.92
C THR B 71 24.91 -26.13 -4.88
N ARG B 72 24.49 -27.00 -5.79
CA ARG B 72 23.46 -26.62 -6.74
C ARG B 72 22.65 -27.80 -7.22
N ASP B 73 21.62 -27.50 -8.01
CA ASP B 73 20.74 -28.51 -8.61
C ASP B 73 20.44 -28.02 -10.04
N THR B 74 21.23 -28.51 -10.99
CA THR B 74 21.11 -28.14 -12.40
C THR B 74 19.73 -28.44 -13.00
N SER B 75 19.05 -29.40 -12.43
CA SER B 75 17.72 -29.78 -12.88
C SER B 75 16.69 -28.73 -12.45
N LYS B 76 16.95 -28.15 -11.28
CA LYS B 76 16.07 -27.14 -10.71
C LYS B 76 16.56 -25.74 -11.09
N ASN B 77 17.84 -25.67 -11.42
CA ASN B 77 18.46 -24.42 -11.81
C ASN B 77 18.47 -23.48 -10.61
N GLN B 78 19.21 -23.88 -9.58
CA GLN B 78 19.33 -23.08 -8.37
C GLN B 78 20.48 -23.57 -7.50
N PHE B 79 21.24 -22.65 -6.92
CA PHE B 79 22.30 -23.08 -6.02
C PHE B 79 21.86 -22.84 -4.58
N PHE B 80 22.63 -23.34 -3.63
CA PHE B 80 22.27 -23.20 -2.23
C PHE B 80 23.47 -22.82 -1.39
N LEU B 81 23.19 -22.39 -0.17
CA LEU B 81 24.22 -22.01 0.77
C LEU B 81 23.85 -22.76 2.03
N GLN B 82 24.85 -23.36 2.66
CA GLN B 82 24.62 -24.07 3.89
C GLN B 82 25.70 -23.61 4.84
N LEU B 83 25.28 -23.00 5.94
CA LEU B 83 26.23 -22.53 6.93
C LEU B 83 25.76 -23.17 8.22
N ASN B 84 26.63 -23.98 8.83
CA ASN B 84 26.27 -24.66 10.06
C ASN B 84 27.02 -24.07 11.25
N SER B 85 26.51 -24.31 12.45
CA SER B 85 27.14 -23.78 13.66
C SER B 85 27.08 -22.24 13.59
N VAL B 86 25.90 -21.69 13.30
CA VAL B 86 25.74 -20.25 13.20
C VAL B 86 25.70 -19.55 14.55
N THR B 87 26.39 -18.42 14.62
CA THR B 87 26.42 -17.61 15.82
C THR B 87 25.60 -16.36 15.50
N THR B 88 25.55 -15.42 16.45
CA THR B 88 24.81 -14.19 16.25
C THR B 88 25.51 -13.35 15.17
N GLU B 89 26.83 -13.50 15.08
CA GLU B 89 27.62 -12.79 14.09
C GLU B 89 27.16 -13.08 12.67
N ASP B 90 26.47 -14.19 12.47
CA ASP B 90 26.02 -14.55 11.15
C ASP B 90 24.70 -13.91 10.79
N THR B 91 24.25 -12.97 11.62
CA THR B 91 23.00 -12.27 11.37
C THR B 91 23.29 -11.24 10.29
N ALA B 92 22.46 -11.22 9.25
CA ALA B 92 22.67 -10.31 8.12
C ALA B 92 21.66 -10.52 7.00
N THR B 93 21.84 -9.75 5.92
CA THR B 93 21.00 -9.88 4.75
C THR B 93 21.86 -10.68 3.77
N TYR B 94 21.34 -11.81 3.32
CA TYR B 94 22.08 -12.69 2.39
C TYR B 94 21.62 -12.54 0.95
N TYR B 95 22.59 -12.31 0.06
CA TYR B 95 22.31 -12.15 -1.36
C TYR B 95 23.07 -13.14 -2.25
N CYS B 96 22.46 -13.46 -3.38
CA CYS B 96 23.13 -14.28 -4.37
C CYS B 96 23.26 -13.38 -5.60
N ALA B 97 24.37 -13.49 -6.32
CA ALA B 97 24.55 -12.66 -7.49
C ALA B 97 25.64 -13.17 -8.44
N ILE B 98 25.53 -12.74 -9.69
CA ILE B 98 26.47 -13.05 -10.75
C ILE B 98 26.63 -11.73 -11.46
N GLY B 99 27.65 -11.61 -12.28
CA GLY B 99 27.82 -10.38 -13.02
C GLY B 99 29.23 -10.21 -13.53
N TYR B 100 29.32 -9.71 -14.77
CA TYR B 100 30.61 -9.45 -15.38
C TYR B 100 30.49 -8.28 -16.34
N GLY B 101 31.51 -7.44 -16.37
CA GLY B 101 31.49 -6.30 -17.27
C GLY B 101 30.52 -5.22 -16.83
N ASN B 102 29.88 -4.59 -17.81
CA ASN B 102 28.95 -3.51 -17.53
C ASN B 102 27.62 -3.95 -16.92
N SER B 103 27.62 -5.07 -16.22
CA SER B 103 26.39 -5.53 -15.63
C SER B 103 26.53 -6.64 -14.59
N ASP B 104 25.47 -6.82 -13.83
CA ASP B 104 25.40 -7.85 -12.81
C ASP B 104 23.94 -8.07 -12.44
N TYR B 105 23.69 -9.01 -11.54
CA TYR B 105 22.34 -9.33 -11.14
C TYR B 105 22.36 -9.76 -9.70
N TRP B 106 21.48 -9.17 -8.90
CA TRP B 106 21.40 -9.51 -7.50
C TRP B 106 19.99 -9.90 -7.17
N GLY B 107 19.84 -10.63 -6.07
CA GLY B 107 18.51 -10.99 -5.64
C GLY B 107 18.06 -9.85 -4.74
N GLN B 108 16.77 -9.78 -4.42
CA GLN B 108 16.27 -8.73 -3.55
C GLN B 108 16.99 -8.77 -2.20
N GLY B 109 17.38 -9.96 -1.76
CA GLY B 109 18.07 -10.11 -0.50
C GLY B 109 17.15 -10.77 0.51
N THR B 110 17.73 -11.49 1.45
CA THR B 110 16.93 -12.16 2.46
C THR B 110 17.58 -11.96 3.83
N LEU B 111 16.78 -11.49 4.79
CA LEU B 111 17.26 -11.21 6.14
C LEU B 111 17.23 -12.46 7.03
N VAL B 112 18.36 -12.74 7.65
CA VAL B 112 18.47 -13.89 8.53
C VAL B 112 18.98 -13.41 9.89
N THR B 113 18.18 -13.70 10.91
CA THR B 113 18.50 -13.32 12.27
C THR B 113 18.92 -14.55 13.07
N VAL B 114 20.06 -14.46 13.75
CA VAL B 114 20.55 -15.57 14.56
C VAL B 114 20.41 -15.23 16.06
N SER B 115 19.30 -15.65 16.66
CA SER B 115 19.06 -15.36 18.07
C SER B 115 18.29 -16.46 18.83
N ALA B 116 18.55 -16.54 20.13
CA ALA B 116 17.86 -17.51 20.99
C ALA B 116 16.47 -16.97 21.37
N ALA B 117 16.31 -15.65 21.24
CA ALA B 117 15.06 -14.98 21.55
C ALA B 117 13.88 -15.61 20.83
N LYS B 118 12.75 -15.70 21.51
CA LYS B 118 11.55 -16.30 20.97
C LYS B 118 10.77 -15.40 20.02
N THR B 119 10.05 -16.01 19.09
CA THR B 119 9.23 -15.27 18.15
C THR B 119 8.10 -14.65 18.95
N THR B 120 7.79 -13.39 18.67
CA THR B 120 6.74 -12.67 19.38
C THR B 120 5.97 -11.75 18.43
N PRO B 121 4.65 -11.94 18.32
CA PRO B 121 3.87 -11.09 17.42
C PRO B 121 3.85 -9.66 17.93
N PRO B 122 3.37 -8.71 17.11
CA PRO B 122 3.32 -7.31 17.52
C PRO B 122 2.02 -6.84 18.15
N SER B 123 2.12 -5.73 18.88
CA SER B 123 0.99 -5.08 19.51
C SER B 123 0.88 -3.82 18.65
N VAL B 124 -0.29 -3.60 18.06
CA VAL B 124 -0.49 -2.44 17.20
C VAL B 124 -1.40 -1.42 17.89
N TYR B 125 -0.94 -0.18 18.03
CA TYR B 125 -1.74 0.85 18.68
C TYR B 125 -1.99 2.05 17.80
N PRO B 126 -3.24 2.52 17.74
CA PRO B 126 -3.64 3.68 16.95
C PRO B 126 -3.06 4.93 17.61
N LEU B 127 -2.72 5.93 16.81
CA LEU B 127 -2.18 7.16 17.37
C LEU B 127 -2.94 8.34 16.84
N ALA B 128 -4.06 8.66 17.49
CA ALA B 128 -4.89 9.78 17.08
C ALA B 128 -4.35 11.03 17.78
N PRO B 129 -4.68 12.21 17.25
CA PRO B 129 -4.22 13.47 17.85
C PRO B 129 -4.98 13.87 19.12
N GLY B 130 -4.36 14.71 19.95
CA GLY B 130 -4.96 15.16 21.19
C GLY B 130 -6.36 15.74 21.05
N CYS B 131 -7.20 15.49 22.05
CA CYS B 131 -8.58 15.97 22.04
C CYS B 131 -8.68 17.49 21.88
N GLY B 132 -9.39 17.93 20.84
CA GLY B 132 -9.55 19.35 20.57
C GLY B 132 -8.24 20.10 20.73
N ASP B 133 -7.51 20.28 19.63
CA ASP B 133 -6.22 20.98 19.66
C ASP B 133 -5.49 20.83 18.33
N THR B 134 -6.14 20.16 17.38
CA THR B 134 -5.56 19.92 16.06
C THR B 134 -6.55 20.21 14.94
N THR B 135 -6.42 21.39 14.33
CA THR B 135 -7.32 21.75 13.25
C THR B 135 -6.67 22.73 12.28
N GLY B 136 -5.38 22.56 12.05
CA GLY B 136 -4.68 23.43 11.11
C GLY B 136 -5.17 23.13 9.70
N SER B 137 -4.24 23.09 8.75
CA SER B 137 -4.62 22.78 7.37
C SER B 137 -4.46 21.28 7.13
N SER B 138 -3.57 20.65 7.89
CA SER B 138 -3.32 19.23 7.78
C SER B 138 -3.23 18.51 9.13
N VAL B 139 -3.80 17.31 9.18
CA VAL B 139 -3.79 16.49 10.39
C VAL B 139 -2.77 15.36 10.22
N THR B 140 -2.28 14.82 11.32
CA THR B 140 -1.30 13.76 11.24
C THR B 140 -1.62 12.56 12.11
N LEU B 141 -1.92 11.42 11.48
CA LEU B 141 -2.21 10.21 12.23
C LEU B 141 -0.94 9.37 12.33
N GLY B 142 -1.00 8.31 13.10
CA GLY B 142 0.17 7.47 13.28
C GLY B 142 -0.23 6.09 13.73
N CYS B 143 0.75 5.19 13.75
CA CYS B 143 0.53 3.80 14.13
C CYS B 143 1.82 3.36 14.84
N LEU B 144 1.66 2.63 15.93
CA LEU B 144 2.80 2.16 16.70
C LEU B 144 2.75 0.65 16.83
N VAL B 145 3.79 -0.01 16.35
CA VAL B 145 3.89 -1.47 16.41
C VAL B 145 5.01 -1.79 17.37
N LYS B 146 4.73 -2.52 18.44
CA LYS B 146 5.81 -2.83 19.35
C LYS B 146 5.69 -4.17 20.05
N GLY B 147 6.83 -4.66 20.51
CA GLY B 147 6.89 -5.94 21.19
C GLY B 147 7.12 -7.14 20.28
N TYR B 148 7.27 -6.91 18.97
CA TYR B 148 7.48 -8.01 18.03
C TYR B 148 8.94 -8.40 17.83
N PHE B 149 9.13 -9.58 17.24
CA PHE B 149 10.44 -10.15 16.95
C PHE B 149 10.15 -11.48 16.25
N PRO B 150 10.97 -11.87 15.26
CA PRO B 150 12.17 -11.20 14.72
C PRO B 150 11.82 -10.08 13.76
N GLU B 151 12.84 -9.41 13.25
CA GLU B 151 12.61 -8.29 12.34
C GLU B 151 11.90 -8.69 11.07
N SER B 152 11.29 -7.67 10.46
CA SER B 152 10.55 -7.80 9.22
C SER B 152 9.06 -7.75 9.49
N VAL B 153 8.49 -6.53 9.44
CA VAL B 153 7.06 -6.36 9.59
C VAL B 153 6.66 -5.45 8.43
N THR B 154 5.46 -5.64 7.92
CA THR B 154 4.99 -4.86 6.79
C THR B 154 3.80 -3.98 7.14
N VAL B 155 3.98 -2.67 7.01
CA VAL B 155 2.93 -1.71 7.34
C VAL B 155 2.55 -0.87 6.13
N THR B 156 1.25 -0.78 5.87
CA THR B 156 0.75 0.02 4.77
C THR B 156 -0.49 0.77 5.27
N TRP B 157 -0.73 1.94 4.69
CA TRP B 157 -1.88 2.74 5.10
C TRP B 157 -3.01 2.56 4.12
N ASN B 158 -4.11 2.00 4.60
CA ASN B 158 -5.27 1.75 3.75
C ASN B 158 -4.88 0.81 2.60
N SER B 159 -4.24 -0.30 2.97
CA SER B 159 -3.80 -1.32 2.02
C SER B 159 -3.19 -0.75 0.73
N GLY B 160 -2.16 0.08 0.86
CA GLY B 160 -1.50 0.65 -0.30
C GLY B 160 -2.11 1.93 -0.84
N SER B 161 -3.41 2.10 -0.64
CA SER B 161 -4.11 3.30 -1.11
C SER B 161 -3.36 4.58 -0.76
N LEU B 162 -3.11 4.80 0.53
CA LEU B 162 -2.39 5.99 0.99
C LEU B 162 -0.89 5.75 0.86
N SER B 163 -0.23 6.54 0.02
CA SER B 163 1.20 6.38 -0.20
C SER B 163 1.93 7.69 -0.01
N SER B 164 1.28 8.77 -0.41
CA SER B 164 1.89 10.08 -0.29
C SER B 164 1.73 10.63 1.11
N SER B 165 2.79 11.27 1.59
CA SER B 165 2.78 11.89 2.91
C SER B 165 2.86 10.91 4.06
N VAL B 166 3.59 9.81 3.88
CA VAL B 166 3.73 8.84 4.95
C VAL B 166 5.19 8.61 5.23
N HIS B 167 5.50 8.25 6.47
CA HIS B 167 6.86 7.99 6.89
C HIS B 167 6.84 6.78 7.83
N ALA B 168 7.56 5.72 7.47
CA ALA B 168 7.64 4.54 8.31
C ALA B 168 9.04 4.68 8.89
N PHE B 169 9.23 4.31 10.14
CA PHE B 169 10.55 4.47 10.73
C PHE B 169 11.21 3.14 10.99
N PRO B 170 12.54 3.12 10.92
CA PRO B 170 13.34 1.91 11.14
C PRO B 170 13.12 1.34 12.53
N ALA B 171 12.83 0.05 12.59
CA ALA B 171 12.60 -0.61 13.87
C ALA B 171 13.83 -0.48 14.77
N LEU B 172 13.58 -0.56 16.08
CA LEU B 172 14.62 -0.47 17.08
C LEU B 172 14.55 -1.67 17.98
N LEU B 173 15.71 -2.19 18.34
CA LEU B 173 15.78 -3.36 19.20
C LEU B 173 16.12 -2.92 20.62
N GLN B 174 15.12 -3.00 21.50
CA GLN B 174 15.29 -2.65 22.91
C GLN B 174 14.99 -3.89 23.74
N SER B 175 16.03 -4.48 24.31
CA SER B 175 15.89 -5.68 25.14
C SER B 175 15.17 -6.85 24.42
N GLY B 176 15.84 -7.42 23.42
CA GLY B 176 15.27 -8.54 22.68
C GLY B 176 13.87 -8.33 22.11
N LEU B 177 13.49 -7.09 21.83
CA LEU B 177 12.17 -6.80 21.27
C LEU B 177 12.19 -5.57 20.37
N TYR B 178 11.40 -5.61 19.30
CA TYR B 178 11.36 -4.52 18.32
C TYR B 178 10.20 -3.55 18.42
N THR B 179 10.52 -2.28 18.20
CA THR B 179 9.52 -1.23 18.22
C THR B 179 9.68 -0.49 16.92
N MET B 180 8.56 -0.16 16.29
CA MET B 180 8.57 0.53 15.03
C MET B 180 7.31 1.39 14.91
N SER B 181 7.37 2.48 14.16
CA SER B 181 6.22 3.38 14.01
C SER B 181 6.11 4.02 12.64
N SER B 182 4.95 4.57 12.35
CA SER B 182 4.73 5.22 11.07
C SER B 182 3.67 6.31 11.22
N SER B 183 3.86 7.40 10.49
CA SER B 183 2.91 8.50 10.53
C SER B 183 2.38 8.79 9.13
N VAL B 184 1.20 9.38 9.05
CA VAL B 184 0.59 9.73 7.78
C VAL B 184 -0.12 11.08 7.93
N THR B 185 0.19 12.00 7.03
CA THR B 185 -0.38 13.35 7.06
C THR B 185 -1.37 13.59 5.92
N VAL B 186 -2.57 14.05 6.25
CA VAL B 186 -3.60 14.34 5.26
C VAL B 186 -4.25 15.68 5.59
N PRO B 187 -5.05 16.25 4.66
CA PRO B 187 -5.69 17.54 4.95
C PRO B 187 -6.78 17.36 5.99
N SER B 188 -6.97 18.37 6.82
CA SER B 188 -7.95 18.33 7.90
C SER B 188 -9.36 17.87 7.54
N SER B 189 -9.77 18.10 6.31
CA SER B 189 -11.12 17.69 5.87
C SER B 189 -11.30 16.19 5.75
N THR B 190 -10.27 15.52 5.26
CA THR B 190 -10.26 14.07 5.05
C THR B 190 -10.64 13.23 6.28
N TRP B 191 -9.89 13.40 7.36
CA TRP B 191 -10.14 12.65 8.58
C TRP B 191 -10.93 13.52 9.55
N PRO B 192 -11.78 12.93 10.39
CA PRO B 192 -12.08 11.50 10.53
C PRO B 192 -13.18 10.97 9.61
N SER B 193 -13.69 11.82 8.73
CA SER B 193 -14.75 11.40 7.81
C SER B 193 -14.28 10.14 7.09
N GLN B 194 -13.40 10.32 6.12
CA GLN B 194 -12.85 9.19 5.37
C GLN B 194 -12.08 8.28 6.31
N THR B 195 -12.29 6.98 6.17
CA THR B 195 -11.60 6.02 7.03
C THR B 195 -10.13 5.92 6.66
N VAL B 196 -9.28 5.96 7.67
CA VAL B 196 -7.85 5.83 7.48
C VAL B 196 -7.42 4.67 8.37
N THR B 197 -7.06 3.56 7.73
CA THR B 197 -6.63 2.38 8.47
C THR B 197 -5.16 2.09 8.32
N CYS B 198 -4.62 1.44 9.35
CA CYS B 198 -3.22 1.08 9.39
C CYS B 198 -3.13 -0.44 9.29
N SER B 199 -2.50 -0.92 8.22
CA SER B 199 -2.35 -2.36 7.97
C SER B 199 -1.00 -2.88 8.45
N VAL B 200 -1.00 -3.91 9.29
CA VAL B 200 0.24 -4.45 9.83
C VAL B 200 0.35 -5.98 9.74
N ALA B 201 1.44 -6.46 9.15
CA ALA B 201 1.65 -7.91 9.01
C ALA B 201 3.03 -8.34 9.49
N HIS B 202 3.06 -9.38 10.32
CA HIS B 202 4.30 -9.94 10.87
C HIS B 202 4.36 -11.42 10.47
N PRO B 203 5.10 -11.74 9.40
CA PRO B 203 5.26 -13.10 8.87
C PRO B 203 5.77 -14.15 9.86
N ALA B 204 6.89 -13.87 10.52
CA ALA B 204 7.48 -14.81 11.47
C ALA B 204 6.51 -15.33 12.52
N SER B 205 5.30 -14.76 12.57
CA SER B 205 4.30 -15.20 13.55
C SER B 205 2.93 -15.19 12.88
N SER B 206 2.95 -15.13 11.56
CA SER B 206 1.73 -15.11 10.76
C SER B 206 0.59 -14.40 11.48
N THR B 207 0.70 -13.07 11.57
CA THR B 207 -0.30 -12.24 12.22
C THR B 207 -0.58 -11.02 11.33
N THR B 208 -1.86 -10.73 11.14
CA THR B 208 -2.29 -9.60 10.33
C THR B 208 -3.26 -8.76 11.15
N VAL B 209 -2.83 -7.56 11.52
CA VAL B 209 -3.66 -6.68 12.32
C VAL B 209 -4.10 -5.45 11.53
N ASP B 210 -5.34 -5.05 11.75
CA ASP B 210 -5.89 -3.88 11.09
C ASP B 210 -6.46 -2.92 12.11
N LYS B 211 -5.89 -1.73 12.19
CA LYS B 211 -6.35 -0.73 13.16
C LYS B 211 -6.73 0.58 12.49
N LYS B 212 -8.00 0.94 12.57
CA LYS B 212 -8.42 2.21 11.98
C LYS B 212 -8.26 3.26 13.08
N LEU B 213 -7.72 4.42 12.73
CA LEU B 213 -7.52 5.50 13.69
C LEU B 213 -8.81 6.27 13.92
N GLU B 214 -9.39 6.09 15.10
CA GLU B 214 -10.63 6.77 15.46
C GLU B 214 -10.33 7.95 16.38
N PRO B 215 -11.04 9.07 16.18
CA PRO B 215 -10.92 10.31 16.94
C PRO B 215 -11.10 10.13 18.44
N LYS B 216 -10.23 10.79 19.21
CA LYS B 216 -10.30 10.72 20.67
C LYS B 216 -11.55 11.48 21.12
N ASP C 1 8.60 -10.93 -12.27
CA ASP C 1 8.78 -10.40 -10.88
C ASP C 1 9.25 -8.95 -10.90
N ILE C 2 9.16 -8.33 -12.06
CA ILE C 2 9.55 -6.94 -12.25
C ILE C 2 8.46 -6.10 -11.61
N VAL C 3 8.85 -5.16 -10.74
CA VAL C 3 7.87 -4.30 -10.08
C VAL C 3 7.58 -3.06 -10.93
N LEU C 4 6.31 -2.90 -11.29
CA LEU C 4 5.90 -1.75 -12.09
C LEU C 4 5.34 -0.68 -11.17
N THR C 5 6.08 0.43 -11.09
CA THR C 5 5.73 1.56 -10.24
C THR C 5 5.03 2.65 -11.02
N GLN C 6 3.81 2.99 -10.60
CA GLN C 6 3.03 4.01 -11.28
C GLN C 6 2.84 5.29 -10.46
N SER C 7 2.73 6.41 -11.18
CA SER C 7 2.55 7.71 -10.57
C SER C 7 2.08 8.75 -11.58
N PRO C 8 1.24 9.71 -11.14
CA PRO C 8 0.76 9.82 -9.76
C PRO C 8 -0.21 8.71 -9.42
N THR C 9 -0.54 8.56 -8.15
CA THR C 9 -1.48 7.54 -7.69
C THR C 9 -2.91 8.03 -7.85
N ILE C 10 -3.09 9.33 -7.68
CA ILE C 10 -4.38 9.96 -7.82
C ILE C 10 -4.14 11.40 -8.24
N MET C 11 -5.05 11.98 -9.01
CA MET C 11 -4.88 13.35 -9.47
C MET C 11 -6.14 13.91 -10.09
N SER C 12 -6.38 15.20 -9.85
CA SER C 12 -7.54 15.91 -10.41
C SER C 12 -7.05 16.71 -11.60
N VAL C 13 -7.82 16.69 -12.68
CA VAL C 13 -7.44 17.38 -13.90
C VAL C 13 -8.58 18.21 -14.46
N SER C 14 -8.27 19.42 -14.90
CA SER C 14 -9.30 20.28 -15.47
C SER C 14 -9.51 19.93 -16.94
N PRO C 15 -10.76 20.00 -17.41
CA PRO C 15 -11.02 19.69 -18.81
C PRO C 15 -10.07 20.48 -19.70
N GLY C 16 -9.77 19.94 -20.89
CA GLY C 16 -8.88 20.62 -21.82
C GLY C 16 -7.40 20.53 -21.51
N GLU C 17 -7.04 20.29 -20.26
CA GLU C 17 -5.63 20.21 -19.89
C GLU C 17 -4.94 18.94 -20.35
N LYS C 18 -3.62 18.99 -20.37
CA LYS C 18 -2.80 17.84 -20.77
C LYS C 18 -2.29 17.14 -19.53
N VAL C 19 -2.33 15.81 -19.54
CA VAL C 19 -1.86 15.04 -18.39
C VAL C 19 -1.04 13.86 -18.88
N THR C 20 -0.01 13.52 -18.10
CA THR C 20 0.89 12.42 -18.42
C THR C 20 1.17 11.46 -17.27
N LEU C 21 0.60 10.25 -17.36
CA LEU C 21 0.80 9.22 -16.34
C LEU C 21 2.12 8.52 -16.62
N THR C 22 2.71 7.92 -15.59
CA THR C 22 4.00 7.26 -15.72
C THR C 22 4.00 5.86 -15.13
N CYS C 23 4.89 5.02 -15.65
CA CYS C 23 5.03 3.64 -15.22
C CYS C 23 6.51 3.28 -15.32
N SER C 24 7.14 3.10 -14.16
CA SER C 24 8.56 2.77 -14.07
C SER C 24 8.79 1.34 -13.63
N ALA C 25 9.63 0.62 -14.37
CA ALA C 25 9.92 -0.77 -14.06
C ALA C 25 11.24 -0.90 -13.33
N SER C 26 11.29 -1.83 -12.37
CA SER C 26 12.49 -2.07 -11.58
C SER C 26 13.64 -2.59 -12.43
N SER C 27 13.32 -2.97 -13.67
CA SER C 27 14.33 -3.48 -14.59
C SER C 27 13.78 -3.31 -16.00
N SER C 28 14.67 -3.15 -16.98
CA SER C 28 14.25 -2.94 -18.37
C SER C 28 13.35 -4.03 -18.94
N VAL C 29 12.45 -3.63 -19.83
CA VAL C 29 11.51 -4.56 -20.47
C VAL C 29 11.31 -4.19 -21.94
N SER C 30 10.92 -5.17 -22.74
CA SER C 30 10.69 -4.95 -24.18
C SER C 30 9.49 -4.03 -24.42
N SER C 31 9.71 -2.95 -25.15
CA SER C 31 8.64 -1.99 -25.44
C SER C 31 7.43 -2.67 -26.06
N ASN C 32 7.65 -3.85 -26.62
CA ASN C 32 6.56 -4.56 -27.27
C ASN C 32 5.60 -5.23 -26.30
N TYR C 33 6.07 -5.48 -25.08
CA TYR C 33 5.24 -6.15 -24.07
C TYR C 33 4.84 -5.28 -22.90
N VAL C 34 4.46 -4.03 -23.20
CA VAL C 34 4.02 -3.07 -22.19
C VAL C 34 2.66 -2.53 -22.62
N TYR C 35 1.60 -2.99 -21.96
CA TYR C 35 0.23 -2.55 -22.27
C TYR C 35 -0.31 -1.54 -21.24
N TRP C 36 -1.43 -0.92 -21.59
CA TRP C 36 -2.09 0.05 -20.73
C TRP C 36 -3.57 -0.27 -20.74
N TYR C 37 -4.16 -0.34 -19.54
CA TYR C 37 -5.58 -0.64 -19.41
C TYR C 37 -6.32 0.49 -18.72
N GLN C 38 -7.57 0.67 -19.11
CA GLN C 38 -8.42 1.68 -18.51
C GLN C 38 -9.55 0.91 -17.87
N GLN C 39 -9.85 1.25 -16.61
CA GLN C 39 -10.93 0.60 -15.90
C GLN C 39 -11.84 1.64 -15.27
N LYS C 40 -13.12 1.56 -15.64
CA LYS C 40 -14.17 2.43 -15.14
C LYS C 40 -14.84 1.66 -13.99
N PRO C 41 -15.37 2.38 -12.98
CA PRO C 41 -16.02 1.73 -11.83
C PRO C 41 -17.08 0.71 -12.22
N GLY C 42 -17.04 -0.45 -11.56
CA GLY C 42 -18.02 -1.50 -11.85
C GLY C 42 -17.93 -2.14 -13.22
N SER C 43 -16.76 -2.04 -13.85
CA SER C 43 -16.52 -2.62 -15.17
C SER C 43 -15.13 -3.23 -15.11
N SER C 44 -14.87 -4.17 -15.99
CA SER C 44 -13.56 -4.79 -15.98
C SER C 44 -12.58 -3.96 -16.78
N PRO C 45 -11.28 -4.18 -16.56
CA PRO C 45 -10.25 -3.44 -17.30
C PRO C 45 -10.38 -3.75 -18.79
N LYS C 46 -9.95 -2.82 -19.63
CA LYS C 46 -10.01 -3.00 -21.07
C LYS C 46 -8.68 -2.53 -21.65
N VAL C 47 -8.17 -3.24 -22.66
CA VAL C 47 -6.89 -2.84 -23.26
C VAL C 47 -7.05 -1.45 -23.90
N TRP C 48 -6.14 -0.56 -23.53
CA TRP C 48 -6.16 0.82 -23.99
C TRP C 48 -5.01 1.13 -24.94
N ILE C 49 -3.84 0.62 -24.59
CA ILE C 49 -2.66 0.83 -25.41
C ILE C 49 -1.76 -0.41 -25.36
N TYR C 50 -1.41 -0.92 -26.54
CA TYR C 50 -0.55 -2.08 -26.59
C TYR C 50 0.81 -1.76 -27.18
N SER C 51 1.82 -2.48 -26.71
CA SER C 51 3.18 -2.30 -27.18
C SER C 51 3.62 -0.86 -27.05
N THR C 52 3.56 -0.37 -25.82
CA THR C 52 3.98 0.98 -25.51
C THR C 52 3.25 2.12 -26.19
N SER C 53 3.11 2.08 -27.52
CA SER C 53 2.47 3.21 -28.19
C SER C 53 1.42 2.98 -29.25
N ASN C 54 0.72 1.86 -29.22
CA ASN C 54 -0.31 1.63 -30.23
C ASN C 54 -1.73 1.69 -29.65
N LEU C 55 -2.53 2.61 -30.15
CA LEU C 55 -3.90 2.73 -29.65
C LEU C 55 -4.72 1.49 -29.95
N ALA C 56 -5.54 1.06 -29.00
CA ALA C 56 -6.37 -0.11 -29.23
C ALA C 56 -7.64 0.31 -29.96
N SER C 57 -8.52 -0.65 -30.20
CA SER C 57 -9.77 -0.40 -30.91
C SER C 57 -10.79 0.41 -30.11
N GLY C 58 -11.27 1.49 -30.71
CA GLY C 58 -12.25 2.33 -30.04
C GLY C 58 -11.66 3.45 -29.19
N VAL C 59 -10.35 3.39 -28.94
CA VAL C 59 -9.66 4.40 -28.15
C VAL C 59 -9.54 5.69 -28.94
N PRO C 60 -9.97 6.83 -28.36
CA PRO C 60 -9.94 8.17 -28.95
C PRO C 60 -8.54 8.65 -29.32
N ALA C 61 -8.45 9.40 -30.42
CA ALA C 61 -7.18 9.92 -30.93
C ALA C 61 -6.37 10.79 -29.98
N ARG C 62 -7.02 11.36 -28.96
CA ARG C 62 -6.34 12.21 -27.98
C ARG C 62 -5.39 11.44 -27.07
N PHE C 63 -5.58 10.12 -26.93
CA PHE C 63 -4.66 9.33 -26.12
C PHE C 63 -3.39 9.01 -26.91
N SER C 64 -2.30 8.81 -26.19
CA SER C 64 -1.03 8.52 -26.84
C SER C 64 -0.03 7.96 -25.83
N GLY C 65 0.75 6.97 -26.26
CA GLY C 65 1.70 6.40 -25.35
C GLY C 65 3.08 6.46 -25.94
N SER C 66 4.09 6.17 -25.12
CA SER C 66 5.47 6.19 -25.56
C SER C 66 6.32 5.72 -24.40
N GLY C 67 7.62 5.68 -24.62
CA GLY C 67 8.51 5.24 -23.57
C GLY C 67 9.33 4.03 -24.00
N SER C 68 10.42 3.78 -23.29
CA SER C 68 11.28 2.67 -23.61
C SER C 68 12.23 2.39 -22.46
N GLY C 69 12.92 1.27 -22.52
CA GLY C 69 13.85 0.93 -21.47
C GLY C 69 13.15 0.62 -20.17
N THR C 70 13.26 1.52 -19.21
CA THR C 70 12.64 1.31 -17.91
C THR C 70 11.59 2.37 -17.58
N SER C 71 11.25 3.21 -18.57
CA SER C 71 10.26 4.26 -18.35
C SER C 71 9.22 4.31 -19.45
N TYR C 72 7.95 4.18 -19.09
CA TYR C 72 6.87 4.25 -20.07
C TYR C 72 5.84 5.22 -19.55
N SER C 73 5.09 5.85 -20.45
CA SER C 73 4.12 6.83 -20.01
C SER C 73 2.94 7.00 -20.94
N LEU C 74 1.78 7.26 -20.37
CA LEU C 74 0.57 7.46 -21.15
C LEU C 74 0.28 8.96 -21.08
N THR C 75 -0.29 9.52 -22.14
CA THR C 75 -0.56 10.96 -22.18
C THR C 75 -1.91 11.31 -22.80
N ILE C 76 -2.61 12.24 -22.17
CA ILE C 76 -3.89 12.67 -22.69
C ILE C 76 -3.71 14.09 -23.20
N SER C 77 -4.09 14.34 -24.45
CA SER C 77 -3.96 15.67 -25.06
C SER C 77 -4.67 16.70 -24.20
N SER C 78 -5.99 16.64 -24.25
CA SER C 78 -6.85 17.52 -23.48
C SER C 78 -7.86 16.62 -22.77
N MET C 79 -7.79 16.62 -21.43
CA MET C 79 -8.69 15.81 -20.61
C MET C 79 -10.18 15.96 -20.97
N GLU C 80 -10.95 14.93 -20.67
CA GLU C 80 -12.38 14.94 -20.95
C GLU C 80 -13.08 14.26 -19.79
N ALA C 81 -14.39 14.49 -19.67
CA ALA C 81 -15.15 13.88 -18.59
C ALA C 81 -14.95 12.38 -18.57
N GLU C 82 -15.21 11.75 -19.71
CA GLU C 82 -15.08 10.31 -19.82
C GLU C 82 -13.69 9.70 -19.64
N ASP C 83 -12.64 10.51 -19.70
CA ASP C 83 -11.29 9.97 -19.51
C ASP C 83 -11.01 9.76 -18.03
N ALA C 84 -12.03 10.02 -17.21
CA ALA C 84 -11.88 9.87 -15.77
C ALA C 84 -12.02 8.40 -15.44
N ALA C 85 -10.93 7.79 -14.99
CA ALA C 85 -10.95 6.37 -14.68
C ALA C 85 -9.57 5.93 -14.19
N SER C 86 -9.42 4.64 -13.94
CA SER C 86 -8.15 4.12 -13.47
C SER C 86 -7.33 3.65 -14.66
N TYR C 87 -6.02 3.79 -14.57
CA TYR C 87 -5.16 3.37 -15.65
C TYR C 87 -4.02 2.57 -15.10
N PHE C 88 -3.92 1.33 -15.55
CA PHE C 88 -2.85 0.44 -15.12
C PHE C 88 -1.95 0.15 -16.32
N CYS C 89 -0.69 -0.14 -16.03
CA CYS C 89 0.25 -0.53 -17.07
C CYS C 89 0.62 -1.97 -16.71
N LEU C 90 0.88 -2.76 -17.75
CA LEU C 90 1.22 -4.17 -17.57
C LEU C 90 2.47 -4.56 -18.36
N GLN C 91 3.27 -5.47 -17.82
CA GLN C 91 4.45 -5.91 -18.54
C GLN C 91 4.46 -7.42 -18.59
N TRP C 92 4.54 -7.96 -19.82
CA TRP C 92 4.61 -9.41 -19.96
C TRP C 92 5.79 -9.78 -20.84
N SER C 93 6.94 -9.25 -20.46
CA SER C 93 8.20 -9.48 -21.14
C SER C 93 9.06 -10.35 -20.24
N SER C 94 8.50 -10.77 -19.11
CA SER C 94 9.22 -11.61 -18.16
C SER C 94 8.22 -12.24 -17.21
N PHE C 95 8.40 -13.52 -16.91
CA PHE C 95 7.49 -14.21 -16.00
C PHE C 95 7.92 -14.00 -14.56
N PRO C 96 6.96 -13.74 -13.68
CA PRO C 96 5.55 -13.67 -14.05
C PRO C 96 5.14 -12.26 -14.53
N TYR C 97 3.96 -12.17 -15.14
CA TYR C 97 3.45 -10.90 -15.63
C TYR C 97 2.99 -10.06 -14.45
N THR C 98 3.36 -8.79 -14.44
CA THR C 98 2.97 -7.92 -13.34
C THR C 98 2.39 -6.58 -13.75
N PHE C 99 1.34 -6.16 -13.04
CA PHE C 99 0.70 -4.87 -13.30
C PHE C 99 1.30 -3.80 -12.42
N GLY C 100 0.85 -2.57 -12.61
CA GLY C 100 1.29 -1.46 -11.79
C GLY C 100 0.12 -1.15 -10.87
N GLY C 101 0.37 -0.38 -9.80
CA GLY C 101 -0.70 -0.04 -8.87
C GLY C 101 -1.89 0.70 -9.44
N GLY C 102 -1.65 1.48 -10.49
CA GLY C 102 -2.74 2.22 -11.09
C GLY C 102 -2.71 3.70 -10.76
N THR C 103 -3.41 4.47 -11.58
CA THR C 103 -3.50 5.90 -11.39
C THR C 103 -4.96 6.24 -11.60
N LYS C 104 -5.59 6.84 -10.60
CA LYS C 104 -6.99 7.20 -10.72
C LYS C 104 -6.98 8.64 -11.22
N LEU C 105 -7.93 9.02 -12.05
CA LEU C 105 -7.97 10.39 -12.55
C LEU C 105 -9.36 10.95 -12.34
N GLU C 106 -9.44 11.99 -11.53
CA GLU C 106 -10.72 12.62 -11.28
C GLU C 106 -10.85 13.90 -12.07
N LEU C 107 -12.07 14.17 -12.53
CA LEU C 107 -12.35 15.36 -13.32
C LEU C 107 -12.77 16.60 -12.51
N LYS C 108 -11.90 17.61 -12.46
CA LYS C 108 -12.19 18.86 -11.75
C LYS C 108 -13.39 19.57 -12.36
N ARG C 109 -14.24 20.12 -11.51
CA ARG C 109 -15.41 20.83 -11.99
C ARG C 109 -15.64 22.04 -11.10
N ALA C 110 -16.70 22.78 -11.37
CA ALA C 110 -17.01 23.96 -10.57
C ALA C 110 -17.49 23.52 -9.20
N ASP C 111 -17.09 24.27 -8.16
CA ASP C 111 -17.53 23.96 -6.80
C ASP C 111 -19.06 23.89 -6.74
N VAL C 112 -19.57 23.03 -5.88
CA VAL C 112 -21.01 22.90 -5.71
C VAL C 112 -21.26 22.51 -4.26
N ALA C 113 -22.33 23.05 -3.69
CA ALA C 113 -22.64 22.76 -2.30
C ALA C 113 -23.56 21.57 -2.16
N PRO C 114 -23.36 20.77 -1.12
CA PRO C 114 -24.16 19.59 -0.86
C PRO C 114 -25.60 19.89 -0.44
N THR C 115 -26.50 18.98 -0.81
CA THR C 115 -27.90 19.09 -0.44
C THR C 115 -28.03 18.00 0.60
N VAL C 116 -28.20 18.41 1.85
CA VAL C 116 -28.27 17.50 2.98
C VAL C 116 -29.68 17.12 3.41
N SER C 117 -29.87 15.85 3.75
CA SER C 117 -31.16 15.34 4.20
C SER C 117 -30.87 14.53 5.45
N ILE C 118 -31.83 14.48 6.36
CA ILE C 118 -31.64 13.74 7.60
C ILE C 118 -32.85 12.82 7.79
N PHE C 119 -32.64 11.68 8.44
CA PHE C 119 -33.74 10.75 8.64
C PHE C 119 -33.70 10.11 10.00
N PRO C 120 -34.82 10.15 10.72
CA PRO C 120 -34.86 9.52 12.05
C PRO C 120 -35.00 8.04 11.82
N PRO C 121 -34.81 7.23 12.89
CA PRO C 121 -34.94 5.79 12.73
C PRO C 121 -36.34 5.48 12.24
N SER C 122 -36.59 4.23 11.91
CA SER C 122 -37.91 3.82 11.46
C SER C 122 -38.53 3.00 12.57
N SER C 123 -39.84 2.80 12.50
CA SER C 123 -40.52 2.02 13.52
C SER C 123 -39.87 0.65 13.61
N GLU C 124 -39.72 0.03 12.44
CA GLU C 124 -39.15 -1.31 12.32
C GLU C 124 -37.81 -1.54 13.02
N GLN C 125 -36.82 -0.69 12.77
CA GLN C 125 -35.51 -0.88 13.41
C GLN C 125 -35.61 -0.70 14.92
N LEU C 126 -36.54 0.17 15.32
CA LEU C 126 -36.79 0.47 16.73
C LEU C 126 -37.33 -0.78 17.41
N THR C 127 -38.29 -1.42 16.74
CA THR C 127 -38.89 -2.65 17.27
C THR C 127 -37.77 -3.65 17.57
N SER C 128 -36.77 -3.69 16.69
CA SER C 128 -35.64 -4.59 16.86
C SER C 128 -34.77 -4.18 18.05
N GLY C 129 -35.05 -3.01 18.61
CA GLY C 129 -34.27 -2.53 19.73
C GLY C 129 -32.99 -1.83 19.30
N GLY C 130 -33.01 -1.25 18.11
CA GLY C 130 -31.85 -0.55 17.59
C GLY C 130 -32.31 0.74 16.96
N ALA C 131 -31.38 1.69 16.81
CA ALA C 131 -31.73 2.98 16.20
C ALA C 131 -30.61 3.55 15.34
N SER C 132 -30.96 3.87 14.10
CA SER C 132 -30.02 4.42 13.12
C SER C 132 -30.50 5.73 12.53
N VAL C 133 -29.65 6.74 12.66
CA VAL C 133 -29.95 8.06 12.14
C VAL C 133 -29.11 8.17 10.89
N VAL C 134 -29.77 8.45 9.77
CA VAL C 134 -29.09 8.53 8.47
C VAL C 134 -29.06 9.92 7.89
N CYS C 135 -27.90 10.31 7.37
CA CYS C 135 -27.76 11.61 6.74
C CYS C 135 -27.16 11.49 5.33
N PHE C 136 -27.82 12.06 4.33
CA PHE C 136 -27.31 12.00 2.97
C PHE C 136 -26.81 13.38 2.57
N LEU C 137 -25.62 13.44 1.98
CA LEU C 137 -25.07 14.70 1.48
C LEU C 137 -24.85 14.46 -0.03
N ASN C 138 -25.78 14.98 -0.83
CA ASN C 138 -25.75 14.80 -2.27
C ASN C 138 -25.20 15.86 -3.22
N ASN C 139 -24.62 15.39 -4.32
CA ASN C 139 -24.08 16.20 -5.40
C ASN C 139 -23.17 17.35 -5.04
N PHE C 140 -22.01 17.06 -4.46
CA PHE C 140 -21.10 18.13 -4.08
C PHE C 140 -19.71 17.98 -4.68
N TYR C 141 -18.95 19.07 -4.63
CA TYR C 141 -17.60 19.10 -5.16
C TYR C 141 -16.94 20.38 -4.63
N PRO C 142 -15.67 20.30 -4.19
CA PRO C 142 -14.74 19.17 -4.11
C PRO C 142 -15.23 17.98 -3.30
N LYS C 143 -14.39 16.96 -3.19
CA LYS C 143 -14.72 15.74 -2.46
C LYS C 143 -14.44 15.89 -0.98
N ASP C 144 -13.50 16.76 -0.64
CA ASP C 144 -13.16 16.97 0.75
C ASP C 144 -14.31 17.69 1.47
N ILE C 145 -14.84 17.02 2.49
CA ILE C 145 -15.93 17.57 3.26
C ILE C 145 -15.92 16.90 4.63
N ASN C 146 -16.30 17.66 5.65
CA ASN C 146 -16.32 17.11 6.98
C ASN C 146 -17.75 17.01 7.46
N VAL C 147 -18.03 15.96 8.22
CA VAL C 147 -19.38 15.78 8.75
C VAL C 147 -19.31 15.50 10.23
N LYS C 148 -20.06 16.27 11.01
CA LYS C 148 -20.12 16.10 12.47
C LYS C 148 -21.53 15.78 12.88
N TRP C 149 -21.63 14.97 13.93
CA TRP C 149 -22.93 14.60 14.48
C TRP C 149 -23.04 15.24 15.86
N LYS C 150 -24.21 15.73 16.16
CA LYS C 150 -24.44 16.30 17.48
C LYS C 150 -25.72 15.73 18.02
N ILE C 151 -25.63 15.19 19.22
CA ILE C 151 -26.81 14.65 19.89
C ILE C 151 -26.98 15.60 21.07
N ASP C 152 -28.14 16.26 21.10
CA ASP C 152 -28.43 17.25 22.13
C ASP C 152 -27.25 18.22 22.19
N GLY C 153 -26.84 18.70 21.01
CA GLY C 153 -25.76 19.67 20.93
C GLY C 153 -24.39 19.18 21.29
N SER C 154 -24.31 17.94 21.75
CA SER C 154 -23.01 17.37 22.08
C SER C 154 -22.51 16.57 20.88
N GLU C 155 -21.22 16.67 20.60
CA GLU C 155 -20.63 15.97 19.46
C GLU C 155 -20.28 14.51 19.70
N ARG C 156 -20.87 13.63 18.90
CA ARG C 156 -20.63 12.19 19.01
C ARG C 156 -19.92 11.65 17.76
N GLN C 157 -18.81 10.95 17.97
CA GLN C 157 -18.03 10.41 16.85
C GLN C 157 -17.93 8.88 16.79
N ASN C 158 -18.47 8.18 17.78
CA ASN C 158 -18.41 6.72 17.78
C ASN C 158 -19.69 6.06 17.27
N GLY C 159 -19.55 5.19 16.28
CA GLY C 159 -20.69 4.51 15.72
C GLY C 159 -21.13 5.26 14.47
N VAL C 160 -20.16 5.84 13.77
CA VAL C 160 -20.43 6.59 12.55
C VAL C 160 -19.90 5.84 11.32
N LEU C 161 -20.80 5.48 10.42
CA LEU C 161 -20.41 4.77 9.21
C LEU C 161 -20.54 5.64 7.97
N ASN C 162 -19.41 6.09 7.43
CA ASN C 162 -19.44 6.93 6.23
C ASN C 162 -19.13 6.16 4.96
N SER C 163 -19.76 6.55 3.86
CA SER C 163 -19.57 5.89 2.57
C SER C 163 -19.74 6.88 1.41
N TRP C 164 -18.75 6.91 0.52
CA TRP C 164 -18.78 7.80 -0.65
C TRP C 164 -19.11 7.06 -1.93
N THR C 165 -19.66 7.78 -2.90
CA THR C 165 -19.95 7.20 -4.20
C THR C 165 -18.70 7.59 -5.01
N ASP C 166 -18.73 7.42 -6.33
CA ASP C 166 -17.58 7.81 -7.14
C ASP C 166 -17.96 9.07 -7.88
N GLN C 167 -16.98 9.75 -8.44
CA GLN C 167 -17.27 10.96 -9.18
C GLN C 167 -18.34 10.60 -10.22
N ASP C 168 -19.51 11.23 -10.10
CA ASP C 168 -20.61 10.96 -11.01
C ASP C 168 -20.21 11.25 -12.46
N SER C 169 -20.64 10.40 -13.38
CA SER C 169 -20.30 10.56 -14.79
C SER C 169 -21.19 11.56 -15.51
N LYS C 170 -22.29 11.95 -14.86
CA LYS C 170 -23.21 12.91 -15.46
C LYS C 170 -22.92 14.36 -15.09
N ASP C 171 -22.51 14.60 -13.83
CA ASP C 171 -22.21 15.97 -13.38
C ASP C 171 -20.87 16.09 -12.65
N SER C 172 -20.13 15.00 -12.59
CA SER C 172 -18.83 14.98 -11.93
C SER C 172 -18.89 15.28 -10.44
N THR C 173 -20.06 15.12 -9.82
CA THR C 173 -20.20 15.39 -8.39
C THR C 173 -20.06 14.13 -7.54
N TYR C 174 -20.05 14.32 -6.22
CA TYR C 174 -19.94 13.21 -5.28
C TYR C 174 -21.16 13.22 -4.37
N SER C 175 -21.35 12.10 -3.69
CA SER C 175 -22.45 11.99 -2.76
C SER C 175 -22.01 11.14 -1.60
N MET C 176 -22.41 11.54 -0.40
CA MET C 176 -22.02 10.82 0.80
C MET C 176 -23.20 10.45 1.66
N SER C 177 -23.02 9.38 2.41
CA SER C 177 -24.04 8.88 3.31
C SER C 177 -23.35 8.71 4.65
N SER C 178 -23.94 9.29 5.69
CA SER C 178 -23.38 9.16 7.03
C SER C 178 -24.46 8.49 7.86
N THR C 179 -24.06 7.49 8.62
CA THR C 179 -25.02 6.75 9.43
C THR C 179 -24.51 6.61 10.83
N LEU C 180 -25.37 6.93 11.79
CA LEU C 180 -25.04 6.82 13.20
C LEU C 180 -25.96 5.73 13.74
N THR C 181 -25.36 4.72 14.38
CA THR C 181 -26.15 3.63 14.92
C THR C 181 -26.03 3.61 16.44
N LEU C 182 -27.18 3.67 17.09
CA LEU C 182 -27.25 3.70 18.55
C LEU C 182 -28.23 2.64 19.01
N THR C 183 -28.24 2.37 20.31
CA THR C 183 -29.17 1.41 20.89
C THR C 183 -30.46 2.19 21.09
N LYS C 184 -31.61 1.55 20.89
CA LYS C 184 -32.90 2.21 21.07
C LYS C 184 -32.87 2.88 22.44
N ASP C 185 -32.11 2.26 23.33
CA ASP C 185 -31.88 2.69 24.70
C ASP C 185 -31.39 4.14 24.72
N GLU C 186 -30.24 4.36 24.10
CA GLU C 186 -29.62 5.69 24.03
C GLU C 186 -30.36 6.70 23.14
N TYR C 187 -31.16 6.20 22.21
CA TYR C 187 -31.90 7.08 21.32
C TYR C 187 -33.03 7.80 22.03
N GLU C 188 -33.56 7.15 23.07
CA GLU C 188 -34.67 7.74 23.81
C GLU C 188 -34.21 8.66 24.94
N ARG C 189 -32.94 8.58 25.30
CA ARG C 189 -32.39 9.43 26.35
C ARG C 189 -31.99 10.80 25.81
N HIS C 190 -32.23 11.06 24.53
CA HIS C 190 -31.88 12.34 23.93
C HIS C 190 -32.98 12.82 23.01
N ASN C 191 -32.99 14.11 22.70
CA ASN C 191 -34.09 14.67 21.91
C ASN C 191 -33.77 15.27 20.56
N SER C 192 -32.60 15.86 20.41
CA SER C 192 -32.29 16.47 19.14
C SER C 192 -31.08 15.82 18.48
N TYR C 193 -31.18 15.63 17.17
CA TYR C 193 -30.09 15.02 16.41
C TYR C 193 -29.77 15.95 15.26
N THR C 194 -28.49 16.26 15.11
CA THR C 194 -28.08 17.16 14.08
C THR C 194 -26.94 16.65 13.22
N CYS C 195 -27.12 16.81 11.92
CA CYS C 195 -26.11 16.42 10.94
C CYS C 195 -25.51 17.77 10.50
N GLU C 196 -24.25 17.99 10.86
CA GLU C 196 -23.58 19.25 10.53
C GLU C 196 -22.48 19.04 9.47
N ALA C 197 -22.66 19.66 8.31
CA ALA C 197 -21.70 19.52 7.21
C ALA C 197 -20.89 20.77 6.88
N THR C 198 -19.57 20.62 6.84
CA THR C 198 -18.70 21.75 6.53
C THR C 198 -18.02 21.57 5.17
N HIS C 199 -18.47 22.34 4.19
CA HIS C 199 -17.91 22.28 2.84
C HIS C 199 -17.28 23.62 2.46
N LYS C 200 -16.56 23.66 1.35
CA LYS C 200 -15.91 24.89 0.89
C LYS C 200 -16.90 25.92 0.34
N THR C 201 -17.97 25.42 -0.27
CA THR C 201 -18.98 26.28 -0.86
C THR C 201 -19.67 27.23 0.12
N SER C 202 -19.13 27.33 1.33
CA SER C 202 -19.71 28.20 2.36
C SER C 202 -18.81 28.35 3.59
N THR C 203 -19.00 29.44 4.32
CA THR C 203 -18.24 29.74 5.54
C THR C 203 -18.93 29.11 6.75
N SER C 204 -20.27 29.08 6.68
CA SER C 204 -21.08 28.50 7.75
C SER C 204 -21.42 27.04 7.42
N PRO C 205 -21.56 26.21 8.44
CA PRO C 205 -21.88 24.80 8.27
C PRO C 205 -23.32 24.57 7.80
N ILE C 206 -23.51 23.60 6.92
CA ILE C 206 -24.85 23.26 6.45
C ILE C 206 -25.38 22.30 7.50
N VAL C 207 -26.52 22.60 8.10
CA VAL C 207 -27.02 21.71 9.13
C VAL C 207 -28.46 21.29 8.94
N LYS C 208 -28.75 20.07 9.35
CA LYS C 208 -30.09 19.53 9.27
C LYS C 208 -30.26 18.82 10.59
N SER C 209 -31.47 18.89 11.14
CA SER C 209 -31.73 18.23 12.40
C SER C 209 -33.20 18.08 12.67
N PHE C 210 -33.50 17.25 13.65
CA PHE C 210 -34.88 17.02 14.03
C PHE C 210 -34.93 16.74 15.51
N ASN C 211 -36.13 16.71 16.06
CA ASN C 211 -36.32 16.45 17.48
C ASN C 211 -37.31 15.33 17.63
N ARG C 212 -36.97 14.35 18.46
CA ARG C 212 -37.88 13.24 18.70
C ARG C 212 -39.15 13.94 19.18
N ASN C 213 -38.95 15.07 19.85
CA ASN C 213 -40.02 15.92 20.37
C ASN C 213 -41.14 16.03 19.33
N GLU C 214 -40.96 17.00 18.42
CA GLU C 214 -41.91 17.26 17.35
C GLU C 214 -42.01 16.01 16.48
N CYS C 215 -43.19 15.40 16.44
CA CYS C 215 -43.38 14.20 15.65
C CYS C 215 -44.86 13.82 15.54
N ASP D 1 -17.27 -11.49 -31.69
CA ASP D 1 -18.47 -11.86 -30.88
C ASP D 1 -18.10 -12.90 -29.82
N VAL D 2 -16.98 -12.65 -29.12
CA VAL D 2 -16.52 -13.55 -28.07
C VAL D 2 -17.18 -13.17 -26.74
N GLN D 3 -17.47 -14.18 -25.93
CA GLN D 3 -18.11 -13.95 -24.64
C GLN D 3 -17.49 -14.80 -23.54
N LEU D 4 -17.01 -14.13 -22.50
CA LEU D 4 -16.43 -14.83 -21.36
C LEU D 4 -17.34 -14.58 -20.15
N GLN D 5 -17.37 -15.52 -19.22
CA GLN D 5 -18.23 -15.38 -18.06
C GLN D 5 -17.82 -16.23 -16.88
N GLU D 6 -17.30 -15.58 -15.84
CA GLU D 6 -16.87 -16.26 -14.63
C GLU D 6 -18.09 -16.82 -13.91
N SER D 7 -17.84 -17.75 -12.99
CA SER D 7 -18.90 -18.36 -12.23
C SER D 7 -18.27 -19.09 -11.06
N GLY D 8 -18.88 -18.98 -9.88
CA GLY D 8 -18.31 -19.64 -8.73
C GLY D 8 -19.16 -19.64 -7.47
N PRO D 9 -18.56 -19.95 -6.32
CA PRO D 9 -19.18 -20.02 -5.00
C PRO D 9 -19.67 -18.70 -4.41
N GLY D 10 -18.81 -17.69 -4.38
CA GLY D 10 -19.21 -16.43 -3.80
C GLY D 10 -18.64 -16.33 -2.38
N LEU D 11 -18.86 -17.36 -1.59
CA LEU D 11 -18.35 -17.37 -0.21
C LEU D 11 -17.73 -18.73 0.11
N VAL D 12 -16.50 -18.75 0.63
CA VAL D 12 -15.84 -19.99 1.00
C VAL D 12 -15.01 -19.80 2.25
N LYS D 13 -15.01 -20.82 3.11
CA LYS D 13 -14.28 -20.76 4.38
C LYS D 13 -12.80 -21.02 4.22
N PRO D 14 -11.99 -20.38 5.07
CA PRO D 14 -10.53 -20.54 5.03
C PRO D 14 -10.12 -22.02 5.02
N SER D 15 -8.93 -22.29 4.48
CA SER D 15 -8.39 -23.64 4.37
C SER D 15 -9.15 -24.50 3.37
N GLN D 16 -10.35 -24.07 2.95
CA GLN D 16 -11.10 -24.86 1.98
C GLN D 16 -10.60 -24.63 0.55
N SER D 17 -11.34 -25.16 -0.43
CA SER D 17 -10.94 -25.03 -1.83
C SER D 17 -11.90 -24.22 -2.71
N LEU D 18 -11.30 -23.49 -3.66
CA LEU D 18 -12.01 -22.64 -4.59
C LEU D 18 -12.04 -23.21 -6.01
N SER D 19 -13.23 -23.23 -6.60
CA SER D 19 -13.44 -23.71 -7.96
C SER D 19 -14.24 -22.74 -8.81
N LEU D 20 -13.56 -22.03 -9.71
CA LEU D 20 -14.22 -21.09 -10.61
C LEU D 20 -14.30 -21.65 -12.03
N THR D 21 -15.39 -21.33 -12.71
CA THR D 21 -15.61 -21.79 -14.06
C THR D 21 -15.81 -20.64 -15.04
N CYS D 22 -14.98 -20.61 -16.08
CA CYS D 22 -15.09 -19.58 -17.10
C CYS D 22 -15.69 -20.20 -18.36
N THR D 23 -16.87 -19.74 -18.74
CA THR D 23 -17.54 -20.25 -19.92
C THR D 23 -17.34 -19.32 -21.10
N VAL D 24 -16.64 -19.80 -22.13
CA VAL D 24 -16.36 -19.03 -23.34
C VAL D 24 -17.38 -19.36 -24.43
N THR D 25 -17.81 -18.35 -25.15
CA THR D 25 -18.79 -18.53 -26.22
C THR D 25 -18.46 -17.73 -27.46
N GLY D 26 -18.71 -18.31 -28.62
CA GLY D 26 -18.40 -17.62 -29.87
C GLY D 26 -16.95 -17.80 -30.29
N TYR D 27 -16.29 -18.80 -29.72
CA TYR D 27 -14.90 -19.08 -30.06
C TYR D 27 -14.40 -20.27 -29.24
N SER D 28 -13.47 -21.05 -29.80
CA SER D 28 -12.96 -22.25 -29.14
C SER D 28 -11.67 -22.12 -28.35
N ILE D 29 -11.65 -22.80 -27.21
CA ILE D 29 -10.49 -22.81 -26.32
C ILE D 29 -9.26 -23.42 -27.02
N THR D 30 -9.53 -24.14 -28.09
CA THR D 30 -8.49 -24.82 -28.84
C THR D 30 -7.93 -24.06 -30.04
N SER D 31 -8.75 -23.21 -30.66
CA SER D 31 -8.32 -22.44 -31.83
C SER D 31 -7.10 -21.56 -31.62
N GLY D 32 -7.01 -20.91 -30.48
CA GLY D 32 -5.86 -20.06 -30.24
C GLY D 32 -5.90 -19.30 -28.94
N TYR D 33 -4.92 -18.41 -28.75
CA TYR D 33 -4.83 -17.58 -27.54
C TYR D 33 -4.35 -18.29 -26.29
N ALA D 34 -4.17 -17.48 -25.26
CA ALA D 34 -3.78 -17.92 -23.93
C ALA D 34 -4.99 -17.54 -23.10
N TRP D 35 -5.49 -18.46 -22.28
CA TRP D 35 -6.64 -18.15 -21.47
C TRP D 35 -6.21 -17.91 -20.04
N ASN D 36 -6.24 -16.64 -19.64
CA ASN D 36 -5.80 -16.20 -18.31
C ASN D 36 -6.84 -16.06 -17.22
N TRP D 37 -6.35 -16.17 -15.99
CA TRP D 37 -7.16 -15.99 -14.80
C TRP D 37 -6.49 -14.82 -14.11
N ILE D 38 -7.25 -13.75 -13.93
CA ILE D 38 -6.77 -12.54 -13.29
C ILE D 38 -7.64 -12.18 -12.09
N ARG D 39 -7.03 -11.73 -11.01
CA ARG D 39 -7.83 -11.33 -9.84
C ARG D 39 -7.51 -9.93 -9.34
N GLN D 40 -8.57 -9.21 -8.96
CA GLN D 40 -8.43 -7.85 -8.45
C GLN D 40 -8.79 -7.79 -6.96
N PHE D 41 -7.78 -7.46 -6.15
CA PHE D 41 -7.94 -7.37 -4.71
C PHE D 41 -8.74 -6.13 -4.32
N PRO D 42 -9.36 -6.14 -3.13
CA PRO D 42 -10.09 -4.92 -2.77
C PRO D 42 -8.93 -3.94 -2.56
N GLY D 43 -8.98 -2.82 -3.28
CA GLY D 43 -7.90 -1.86 -3.23
C GLY D 43 -7.47 -1.67 -4.67
N ASN D 44 -8.03 -2.53 -5.53
CA ASN D 44 -7.79 -2.51 -6.96
C ASN D 44 -6.49 -3.13 -7.46
N LYS D 45 -5.61 -3.54 -6.57
CA LYS D 45 -4.36 -4.14 -7.00
C LYS D 45 -4.68 -5.37 -7.87
N LEU D 46 -4.06 -5.43 -9.05
CA LEU D 46 -4.29 -6.52 -10.00
C LEU D 46 -3.20 -7.59 -9.98
N GLU D 47 -3.63 -8.86 -10.02
CA GLU D 47 -2.67 -9.96 -10.02
C GLU D 47 -2.95 -10.99 -11.12
N TRP D 48 -1.93 -11.29 -11.90
CA TRP D 48 -2.05 -12.30 -12.96
C TRP D 48 -1.77 -13.64 -12.29
N MET D 49 -2.74 -14.54 -12.32
CA MET D 49 -2.57 -15.83 -11.69
C MET D 49 -1.93 -16.88 -12.62
N GLY D 50 -2.47 -17.00 -13.82
CA GLY D 50 -1.93 -17.94 -14.77
C GLY D 50 -2.80 -18.13 -15.99
N TYR D 51 -2.41 -19.05 -16.88
CA TYR D 51 -3.19 -19.29 -18.08
C TYR D 51 -3.04 -20.70 -18.61
N ILE D 52 -3.93 -21.05 -19.53
CA ILE D 52 -3.85 -22.31 -20.20
C ILE D 52 -3.85 -21.93 -21.68
N ARG D 53 -2.89 -22.45 -22.43
CA ARG D 53 -2.80 -22.17 -23.87
C ARG D 53 -3.81 -23.03 -24.61
N TYR D 54 -4.12 -22.68 -25.85
CA TYR D 54 -5.07 -23.43 -26.67
C TYR D 54 -4.50 -24.83 -26.91
N SER D 55 -3.18 -24.92 -26.78
CA SER D 55 -2.47 -26.17 -26.96
C SER D 55 -2.62 -27.03 -25.72
N GLY D 56 -3.19 -26.45 -24.66
CA GLY D 56 -3.40 -27.20 -23.44
C GLY D 56 -2.34 -27.12 -22.36
N ASP D 57 -1.19 -26.52 -22.64
CA ASP D 57 -0.16 -26.44 -21.59
C ASP D 57 -0.40 -25.20 -20.72
N THR D 58 0.26 -25.16 -19.56
CA THR D 58 0.02 -24.06 -18.64
C THR D 58 1.22 -23.33 -18.07
N ARG D 59 0.92 -22.18 -17.48
CA ARG D 59 1.90 -21.30 -16.84
C ARG D 59 1.22 -20.64 -15.63
N TYR D 60 1.90 -20.71 -14.49
CA TYR D 60 1.40 -20.18 -13.23
C TYR D 60 2.31 -19.16 -12.58
N ASN D 61 1.70 -18.17 -11.92
CA ASN D 61 2.46 -17.15 -11.21
C ASN D 61 3.17 -17.93 -10.10
N PRO D 62 4.50 -17.76 -10.00
CA PRO D 62 5.36 -18.43 -9.01
C PRO D 62 4.92 -18.34 -7.55
N SER D 63 3.97 -17.48 -7.23
CA SER D 63 3.55 -17.37 -5.84
C SER D 63 2.27 -18.16 -5.58
N LEU D 64 1.72 -18.75 -6.64
CA LEU D 64 0.50 -19.53 -6.51
C LEU D 64 0.71 -20.99 -6.82
N LYS D 65 1.96 -21.38 -7.02
CA LYS D 65 2.30 -22.77 -7.30
C LYS D 65 1.85 -23.64 -6.13
N SER D 66 1.62 -24.91 -6.39
CA SER D 66 1.21 -25.87 -5.35
C SER D 66 -0.22 -25.71 -4.87
N ARG D 67 -0.83 -24.56 -5.13
CA ARG D 67 -2.20 -24.34 -4.70
C ARG D 67 -3.10 -24.18 -5.91
N ILE D 68 -2.49 -23.78 -7.02
CA ILE D 68 -3.24 -23.50 -8.24
C ILE D 68 -3.24 -24.62 -9.30
N SER D 69 -4.34 -24.70 -10.03
CA SER D 69 -4.52 -25.70 -11.07
C SER D 69 -5.52 -25.20 -12.12
N ILE D 70 -5.02 -24.78 -13.28
CA ILE D 70 -5.88 -24.32 -14.36
C ILE D 70 -6.07 -25.50 -15.32
N THR D 71 -7.33 -25.83 -15.61
CA THR D 71 -7.65 -26.95 -16.50
C THR D 71 -8.80 -26.55 -17.43
N ARG D 72 -9.22 -27.45 -18.32
CA ARG D 72 -10.29 -27.10 -19.23
C ARG D 72 -11.06 -28.31 -19.68
N ASP D 73 -12.13 -28.05 -20.45
CA ASP D 73 -12.98 -29.08 -21.03
C ASP D 73 -13.33 -28.61 -22.45
N THR D 74 -12.56 -29.09 -23.42
CA THR D 74 -12.74 -28.72 -24.83
C THR D 74 -14.11 -29.07 -25.37
N SER D 75 -14.75 -30.05 -24.78
CA SER D 75 -16.07 -30.48 -25.19
C SER D 75 -17.13 -29.46 -24.74
N LYS D 76 -16.85 -28.83 -23.60
CA LYS D 76 -17.75 -27.84 -23.01
C LYS D 76 -17.31 -26.45 -23.41
N ASN D 77 -16.03 -26.34 -23.77
CA ASN D 77 -15.46 -25.07 -24.19
C ASN D 77 -15.45 -24.13 -23.00
N GLN D 78 -14.64 -24.47 -22.00
CA GLN D 78 -14.54 -23.66 -20.80
C GLN D 78 -13.35 -24.11 -19.96
N PHE D 79 -12.61 -23.16 -19.39
CA PHE D 79 -11.51 -23.57 -18.53
C PHE D 79 -11.92 -23.32 -17.09
N PHE D 80 -11.08 -23.77 -16.16
CA PHE D 80 -11.39 -23.64 -14.75
C PHE D 80 -10.19 -23.21 -13.94
N LEU D 81 -10.47 -22.77 -12.72
CA LEU D 81 -9.44 -22.37 -11.79
C LEU D 81 -9.78 -23.13 -10.53
N GLN D 82 -8.75 -23.62 -9.88
CA GLN D 82 -8.91 -24.35 -8.65
C GLN D 82 -7.79 -23.84 -7.78
N LEU D 83 -8.17 -23.27 -6.64
CA LEU D 83 -7.21 -22.77 -5.68
C LEU D 83 -7.63 -23.44 -4.39
N ASN D 84 -6.73 -24.20 -3.79
CA ASN D 84 -7.03 -24.90 -2.55
C ASN D 84 -6.29 -24.27 -1.38
N SER D 85 -6.76 -24.51 -0.15
CA SER D 85 -6.11 -23.93 1.00
C SER D 85 -6.20 -22.40 0.93
N VAL D 86 -7.41 -21.90 0.65
CA VAL D 86 -7.61 -20.46 0.55
C VAL D 86 -7.64 -19.75 1.88
N THR D 87 -6.99 -18.58 1.92
CA THR D 87 -6.97 -17.78 3.12
C THR D 87 -7.80 -16.53 2.82
N THR D 88 -7.92 -15.64 3.78
CA THR D 88 -8.69 -14.42 3.58
C THR D 88 -8.04 -13.55 2.50
N GLU D 89 -6.71 -13.68 2.36
CA GLU D 89 -5.97 -12.94 1.33
C GLU D 89 -6.46 -13.28 -0.07
N ASP D 90 -7.13 -14.40 -0.22
CA ASP D 90 -7.60 -14.80 -1.55
C ASP D 90 -8.94 -14.18 -1.88
N THR D 91 -9.38 -13.25 -1.04
CA THR D 91 -10.66 -12.57 -1.26
C THR D 91 -10.43 -11.56 -2.36
N ALA D 92 -11.27 -11.58 -3.40
CA ALA D 92 -11.11 -10.68 -4.52
C ALA D 92 -12.15 -10.89 -5.59
N THR D 93 -12.00 -10.15 -6.68
CA THR D 93 -12.89 -10.30 -7.83
C THR D 93 -12.06 -11.08 -8.82
N TYR D 94 -12.57 -12.22 -9.25
CA TYR D 94 -11.84 -13.10 -10.18
C TYR D 94 -12.35 -12.96 -11.61
N TYR D 95 -11.41 -12.73 -12.53
CA TYR D 95 -11.72 -12.58 -13.96
C TYR D 95 -10.95 -13.55 -14.85
N CYS D 96 -11.56 -13.91 -15.97
CA CYS D 96 -10.88 -14.72 -16.97
C CYS D 96 -10.79 -13.83 -18.19
N ALA D 97 -9.71 -13.94 -18.95
CA ALA D 97 -9.58 -13.12 -20.14
C ALA D 97 -8.53 -13.59 -21.12
N ILE D 98 -8.72 -13.21 -22.37
CA ILE D 98 -7.80 -13.49 -23.45
C ILE D 98 -7.67 -12.17 -24.17
N GLY D 99 -6.67 -12.03 -25.01
CA GLY D 99 -6.54 -10.80 -25.75
C GLY D 99 -5.16 -10.60 -26.33
N TYR D 100 -5.13 -10.08 -27.55
CA TYR D 100 -3.86 -9.77 -28.20
C TYR D 100 -4.04 -8.61 -29.18
N GLY D 101 -3.05 -7.75 -29.24
CA GLY D 101 -3.14 -6.63 -30.15
C GLY D 101 -4.10 -5.54 -29.69
N ASN D 102 -4.81 -4.97 -30.64
CA ASN D 102 -5.75 -3.89 -30.34
C ASN D 102 -7.04 -4.36 -29.68
N SER D 103 -7.00 -5.50 -29.01
CA SER D 103 -8.21 -5.98 -28.36
C SER D 103 -7.99 -7.08 -27.34
N ASP D 104 -9.03 -7.30 -26.54
CA ASP D 104 -9.05 -8.34 -25.53
C ASP D 104 -10.49 -8.59 -25.12
N TYR D 105 -10.68 -9.55 -24.22
CA TYR D 105 -12.02 -9.90 -23.77
C TYR D 105 -11.95 -10.32 -22.33
N TRP D 106 -12.80 -9.72 -21.50
CA TRP D 106 -12.84 -10.07 -20.10
C TRP D 106 -14.22 -10.48 -19.72
N GLY D 107 -14.34 -11.20 -18.62
CA GLY D 107 -15.64 -11.60 -18.13
C GLY D 107 -16.09 -10.46 -17.22
N GLN D 108 -17.37 -10.44 -16.86
CA GLN D 108 -17.89 -9.38 -15.99
C GLN D 108 -17.14 -9.38 -14.67
N GLY D 109 -16.73 -10.56 -14.22
CA GLY D 109 -16.01 -10.68 -12.97
C GLY D 109 -16.88 -11.37 -11.94
N THR D 110 -16.26 -12.05 -11.00
CA THR D 110 -17.01 -12.76 -9.97
C THR D 110 -16.32 -12.51 -8.63
N LEU D 111 -17.10 -12.08 -7.65
CA LEU D 111 -16.58 -11.76 -6.32
C LEU D 111 -16.56 -12.98 -5.41
N VAL D 112 -15.39 -13.25 -4.85
CA VAL D 112 -15.22 -14.38 -3.96
C VAL D 112 -14.69 -13.87 -2.62
N THR D 113 -15.45 -14.17 -1.56
CA THR D 113 -15.09 -13.75 -0.22
C THR D 113 -14.62 -14.96 0.59
N VAL D 114 -13.45 -14.85 1.21
CA VAL D 114 -12.91 -15.94 2.03
C VAL D 114 -13.04 -15.62 3.52
N SER D 115 -14.15 -16.04 4.14
CA SER D 115 -14.35 -15.75 5.56
C SER D 115 -15.06 -16.85 6.35
N ALA D 116 -14.74 -16.92 7.64
CA ALA D 116 -15.36 -17.90 8.52
C ALA D 116 -16.75 -17.42 8.96
N ALA D 117 -16.96 -16.10 8.84
CA ALA D 117 -18.22 -15.46 9.20
C ALA D 117 -19.41 -16.11 8.51
N LYS D 118 -20.51 -16.25 9.24
CA LYS D 118 -21.71 -16.86 8.71
C LYS D 118 -22.53 -15.99 7.78
N THR D 119 -23.26 -16.63 6.88
CA THR D 119 -24.11 -15.93 5.93
C THR D 119 -25.26 -15.37 6.74
N THR D 120 -25.61 -14.11 6.49
CA THR D 120 -26.68 -13.43 7.23
C THR D 120 -27.49 -12.54 6.30
N PRO D 121 -28.81 -12.77 6.23
CA PRO D 121 -29.64 -11.94 5.34
C PRO D 121 -29.69 -10.50 5.84
N PRO D 122 -30.25 -9.59 5.03
CA PRO D 122 -30.32 -8.19 5.43
C PRO D 122 -31.63 -7.75 6.07
N SER D 123 -31.53 -6.64 6.81
CA SER D 123 -32.67 -6.00 7.46
C SER D 123 -32.83 -4.75 6.61
N VAL D 124 -34.02 -4.59 6.03
CA VAL D 124 -34.28 -3.43 5.18
C VAL D 124 -35.22 -2.44 5.87
N TYR D 125 -34.77 -1.20 6.03
CA TYR D 125 -35.59 -0.19 6.68
C TYR D 125 -35.91 1.00 5.77
N PRO D 126 -37.17 1.45 5.77
CA PRO D 126 -37.64 2.58 4.97
C PRO D 126 -37.08 3.85 5.61
N LEU D 127 -36.78 4.85 4.81
CA LEU D 127 -36.26 6.10 5.36
C LEU D 127 -37.08 7.23 4.81
N ALA D 128 -38.17 7.53 5.50
CA ALA D 128 -39.05 8.63 5.13
C ALA D 128 -38.51 9.90 5.78
N PRO D 129 -38.90 11.07 5.27
CA PRO D 129 -38.43 12.35 5.83
C PRO D 129 -39.18 12.74 7.12
N GLY D 130 -38.56 13.61 7.92
CA GLY D 130 -39.15 14.06 9.17
C GLY D 130 -40.56 14.59 9.04
N CYS D 131 -41.38 14.33 10.07
CA CYS D 131 -42.77 14.77 10.10
C CYS D 131 -42.91 16.28 9.94
N GLY D 132 -43.67 16.69 8.92
CA GLY D 132 -43.88 18.11 8.66
C GLY D 132 -42.58 18.89 8.77
N ASP D 133 -41.89 19.08 7.65
CA ASP D 133 -40.63 19.81 7.62
C ASP D 133 -39.92 19.66 6.28
N THR D 134 -40.59 18.98 5.35
CA THR D 134 -40.05 18.74 4.02
C THR D 134 -41.08 19.00 2.92
N THR D 135 -40.99 20.17 2.29
CA THR D 135 -41.93 20.53 1.25
C THR D 135 -41.32 21.51 0.24
N GLY D 136 -40.03 21.36 -0.02
CA GLY D 136 -39.39 22.25 -0.98
C GLY D 136 -39.90 21.92 -2.38
N SER D 137 -39.01 21.89 -3.35
CA SER D 137 -39.41 21.57 -4.72
C SER D 137 -39.22 20.07 -4.94
N SER D 138 -38.27 19.49 -4.20
CA SER D 138 -37.97 18.06 -4.31
C SER D 138 -37.82 17.34 -2.96
N VAL D 139 -38.36 16.14 -2.88
CA VAL D 139 -38.29 15.31 -1.67
C VAL D 139 -37.26 14.20 -1.87
N THR D 140 -36.71 13.71 -0.77
CA THR D 140 -35.71 12.67 -0.84
C THR D 140 -35.99 11.47 0.05
N LEU D 141 -36.28 10.33 -0.56
CA LEU D 141 -36.51 9.12 0.22
C LEU D 141 -35.21 8.34 0.28
N GLY D 142 -35.22 7.24 1.03
CA GLY D 142 -34.03 6.45 1.17
C GLY D 142 -34.38 5.05 1.63
N CYS D 143 -33.37 4.19 1.65
CA CYS D 143 -33.55 2.80 2.06
C CYS D 143 -32.23 2.40 2.70
N LEU D 144 -32.32 1.69 3.81
CA LEU D 144 -31.13 1.26 4.53
C LEU D 144 -31.15 -0.25 4.69
N VAL D 145 -30.10 -0.89 4.18
CA VAL D 145 -29.98 -2.33 4.26
C VAL D 145 -28.82 -2.62 5.20
N LYS D 146 -29.07 -3.33 6.29
CA LYS D 146 -27.94 -3.63 7.17
C LYS D 146 -27.97 -4.97 7.88
N GLY D 147 -26.78 -5.40 8.30
CA GLY D 147 -26.64 -6.67 8.99
C GLY D 147 -26.43 -7.88 8.08
N TYR D 148 -26.31 -7.65 6.77
CA TYR D 148 -26.10 -8.75 5.83
C TYR D 148 -24.63 -9.09 5.58
N PHE D 149 -24.43 -10.28 5.01
CA PHE D 149 -23.11 -10.83 4.68
C PHE D 149 -23.39 -12.16 3.98
N PRO D 150 -22.58 -12.52 2.97
CA PRO D 150 -21.43 -11.83 2.39
C PRO D 150 -21.85 -10.73 1.43
N GLU D 151 -20.86 -10.01 0.91
CA GLU D 151 -21.14 -8.91 -0.01
C GLU D 151 -21.88 -9.35 -1.25
N SER D 152 -22.51 -8.37 -1.87
CA SER D 152 -23.29 -8.52 -3.08
C SER D 152 -24.78 -8.52 -2.75
N VAL D 153 -25.38 -7.33 -2.80
CA VAL D 153 -26.82 -7.17 -2.61
C VAL D 153 -27.28 -6.28 -3.77
N THR D 154 -28.49 -6.52 -4.25
CA THR D 154 -29.01 -5.76 -5.37
C THR D 154 -30.21 -4.91 -4.96
N VAL D 155 -30.09 -3.60 -5.13
CA VAL D 155 -31.14 -2.67 -4.76
C VAL D 155 -31.58 -1.85 -5.95
N THR D 156 -32.88 -1.84 -6.20
CA THR D 156 -33.44 -1.06 -7.30
C THR D 156 -34.69 -0.35 -6.77
N TRP D 157 -34.98 0.83 -7.30
CA TRP D 157 -36.14 1.58 -6.87
C TRP D 157 -37.28 1.36 -7.83
N ASN D 158 -38.38 0.79 -7.33
CA ASN D 158 -39.54 0.50 -8.16
C ASN D 158 -39.14 -0.43 -9.32
N SER D 159 -38.47 -1.52 -8.96
CA SER D 159 -38.01 -2.53 -9.91
C SER D 159 -37.45 -1.98 -11.21
N GLY D 160 -36.46 -1.09 -11.10
CA GLY D 160 -35.85 -0.52 -12.29
C GLY D 160 -36.51 0.75 -12.80
N SER D 161 -37.80 0.89 -12.60
CA SER D 161 -38.56 2.06 -13.05
C SER D 161 -37.82 3.39 -12.74
N LEU D 162 -37.55 3.62 -11.47
CA LEU D 162 -36.85 4.83 -11.03
C LEU D 162 -35.36 4.63 -11.19
N SER D 163 -34.74 5.41 -12.06
CA SER D 163 -33.31 5.29 -12.32
C SER D 163 -32.61 6.63 -12.15
N SER D 164 -33.30 7.68 -12.57
CA SER D 164 -32.74 9.01 -12.47
C SER D 164 -32.87 9.56 -11.07
N SER D 165 -31.81 10.24 -10.63
CA SER D 165 -31.81 10.87 -9.32
C SER D 165 -31.68 9.90 -8.15
N VAL D 166 -30.94 8.81 -8.33
CA VAL D 166 -30.76 7.86 -7.23
C VAL D 166 -29.28 7.68 -7.01
N HIS D 167 -28.92 7.33 -5.79
CA HIS D 167 -27.53 7.12 -5.42
C HIS D 167 -27.50 5.95 -4.48
N ALA D 168 -26.76 4.91 -4.84
CA ALA D 168 -26.63 3.74 -4.00
C ALA D 168 -25.21 3.92 -3.45
N PHE D 169 -24.98 3.56 -2.20
CA PHE D 169 -23.64 3.75 -1.65
C PHE D 169 -22.93 2.45 -1.42
N PRO D 170 -21.60 2.46 -1.54
CA PRO D 170 -20.76 1.27 -1.33
C PRO D 170 -20.93 0.71 0.08
N ALA D 171 -21.18 -0.59 0.17
CA ALA D 171 -21.34 -1.23 1.46
C ALA D 171 -20.10 -1.07 2.32
N LEU D 172 -20.31 -1.13 3.63
CA LEU D 172 -19.24 -1.00 4.61
C LEU D 172 -19.26 -2.21 5.52
N LEU D 173 -18.08 -2.72 5.84
CA LEU D 173 -17.95 -3.87 6.70
C LEU D 173 -17.59 -3.42 8.11
N GLN D 174 -18.56 -3.53 9.01
CA GLN D 174 -18.36 -3.15 10.41
C GLN D 174 -18.59 -4.38 11.26
N SER D 175 -17.51 -4.93 11.82
CA SER D 175 -17.58 -6.12 12.66
C SER D 175 -18.27 -7.30 11.96
N GLY D 176 -17.62 -7.84 10.93
CA GLY D 176 -18.16 -8.97 10.21
C GLY D 176 -19.59 -8.84 9.70
N LEU D 177 -20.04 -7.61 9.45
CA LEU D 177 -21.38 -7.38 8.93
C LEU D 177 -21.43 -6.16 8.01
N TYR D 178 -22.23 -6.25 6.97
CA TYR D 178 -22.34 -5.17 5.99
C TYR D 178 -23.54 -4.24 6.10
N THR D 179 -23.26 -2.97 5.88
CA THR D 179 -24.30 -1.93 5.90
C THR D 179 -24.18 -1.21 4.59
N MET D 180 -25.33 -0.92 3.99
CA MET D 180 -25.36 -0.23 2.72
C MET D 180 -26.68 0.59 2.66
N SER D 181 -26.68 1.65 1.87
CA SER D 181 -27.85 2.53 1.76
C SER D 181 -28.03 3.14 0.38
N SER D 182 -29.21 3.69 0.13
CA SER D 182 -29.49 4.30 -1.14
C SER D 182 -30.55 5.36 -0.96
N SER D 183 -30.43 6.45 -1.72
CA SER D 183 -31.40 7.54 -1.65
C SER D 183 -31.96 7.80 -3.04
N VAL D 184 -33.16 8.35 -3.09
CA VAL D 184 -33.81 8.68 -4.36
C VAL D 184 -34.55 10.01 -4.20
N THR D 185 -34.29 10.93 -5.11
CA THR D 185 -34.91 12.25 -5.06
C THR D 185 -35.93 12.46 -6.18
N VAL D 186 -37.14 12.87 -5.80
CA VAL D 186 -38.21 13.12 -6.76
C VAL D 186 -38.90 14.45 -6.43
N PRO D 187 -39.73 14.98 -7.36
CA PRO D 187 -40.39 16.25 -7.05
C PRO D 187 -41.44 16.04 -5.96
N SER D 188 -41.64 17.05 -5.13
CA SER D 188 -42.58 17.00 -4.02
C SER D 188 -43.98 16.49 -4.34
N SER D 189 -44.45 16.71 -5.57
CA SER D 189 -45.80 16.27 -5.95
C SER D 189 -45.93 14.75 -6.06
N THR D 190 -44.89 14.11 -6.59
CA THR D 190 -44.85 12.66 -6.79
C THR D 190 -45.18 11.82 -5.57
N TRP D 191 -44.40 12.02 -4.50
CA TRP D 191 -44.60 11.28 -3.27
C TRP D 191 -45.38 12.14 -2.29
N PRO D 192 -46.19 11.52 -1.41
CA PRO D 192 -46.45 10.09 -1.25
C PRO D 192 -47.57 9.52 -2.11
N SER D 193 -48.13 10.33 -3.00
CA SER D 193 -49.20 9.87 -3.88
C SER D 193 -48.73 8.63 -4.60
N GLN D 194 -47.87 8.82 -5.60
CA GLN D 194 -47.31 7.70 -6.37
C GLN D 194 -46.48 6.83 -5.43
N THR D 195 -46.65 5.52 -5.56
CA THR D 195 -45.89 4.59 -4.72
C THR D 195 -44.43 4.52 -5.12
N VAL D 196 -43.56 4.60 -4.13
CA VAL D 196 -42.14 4.53 -4.37
C VAL D 196 -41.64 3.39 -3.48
N THR D 197 -41.27 2.28 -4.11
CA THR D 197 -40.80 1.11 -3.39
C THR D 197 -39.33 0.83 -3.59
N CYS D 198 -38.73 0.25 -2.56
CA CYS D 198 -37.32 -0.08 -2.57
C CYS D 198 -37.19 -1.60 -2.67
N SER D 199 -36.58 -2.07 -3.76
CA SER D 199 -36.40 -3.51 -4.01
C SER D 199 -35.01 -3.97 -3.56
N VAL D 200 -34.96 -5.00 -2.71
CA VAL D 200 -33.68 -5.50 -2.22
C VAL D 200 -33.52 -7.01 -2.29
N ALA D 201 -32.43 -7.45 -2.90
CA ALA D 201 -32.16 -8.89 -3.02
C ALA D 201 -30.75 -9.26 -2.58
N HIS D 202 -30.68 -10.29 -1.75
CA HIS D 202 -29.41 -10.82 -1.24
C HIS D 202 -29.35 -12.30 -1.63
N PRO D 203 -28.63 -12.62 -2.72
CA PRO D 203 -28.47 -13.98 -3.25
C PRO D 203 -27.88 -15.00 -2.28
N ALA D 204 -26.76 -14.66 -1.63
CA ALA D 204 -26.11 -15.58 -0.70
C ALA D 204 -27.03 -16.12 0.40
N SER D 205 -28.25 -15.60 0.47
CA SER D 205 -29.20 -16.05 1.47
C SER D 205 -30.59 -16.11 0.86
N SER D 206 -30.63 -16.05 -0.47
CA SER D 206 -31.87 -16.09 -1.22
C SER D 206 -33.01 -15.40 -0.48
N THR D 207 -32.91 -14.09 -0.40
CA THR D 207 -33.93 -13.27 0.26
C THR D 207 -34.26 -12.07 -0.63
N THR D 208 -35.55 -11.82 -0.78
CA THR D 208 -36.04 -10.70 -1.57
C THR D 208 -37.01 -9.90 -0.72
N VAL D 209 -36.62 -8.68 -0.39
CA VAL D 209 -37.45 -7.80 0.43
C VAL D 209 -37.95 -6.60 -0.37
N ASP D 210 -39.19 -6.24 -0.13
CA ASP D 210 -39.79 -5.09 -0.79
C ASP D 210 -40.37 -4.14 0.26
N LYS D 211 -39.83 -2.93 0.34
CA LYS D 211 -40.29 -1.95 1.31
C LYS D 211 -40.74 -0.66 0.64
N LYS D 212 -42.01 -0.33 0.76
CA LYS D 212 -42.48 0.91 0.16
C LYS D 212 -42.33 1.99 1.25
N LEU D 213 -41.82 3.16 0.88
CA LEU D 213 -41.62 4.26 1.81
C LEU D 213 -42.94 4.98 2.07
N GLU D 214 -43.46 4.81 3.28
CA GLU D 214 -44.71 5.44 3.67
C GLU D 214 -44.48 6.59 4.64
N PRO D 215 -45.38 7.59 4.60
CA PRO D 215 -45.31 8.78 5.46
C PRO D 215 -45.49 8.47 6.93
N LYS D 216 -44.61 9.02 7.77
CA LYS D 216 -44.69 8.80 9.21
C LYS D 216 -46.02 9.25 9.79
#